data_6MAG
#
_entry.id   6MAG
#
_cell.length_a   95.712
_cell.length_b   165.707
_cell.length_c   141.175
_cell.angle_alpha   90.00
_cell.angle_beta   90.00
_cell.angle_gamma   90.00
#
_symmetry.space_group_name_H-M   'C 2 2 2'
#
loop_
_entity.id
_entity.type
_entity.pdbx_description
1 polymer 'BbvCI endonuclease subunit 2'
2 non-polymer 'ACETATE ION'
3 non-polymer GLYCEROL
4 non-polymer 'PHOSPHATE ION'
5 water water
#
_entity_poly.entity_id   1
_entity_poly.type   'polypeptide(L)'
_entity_poly.pdbx_seq_one_letter_code
;MFNQFNPLVYTHGGKLERKSKKDKTASKVFEEFGVMEAYNCWKEASLCIQQRDKDSVLKLVAALNTYKDAVEPIFDSRLN
SAQEVLQPSILEEFFEYLFSRIDSIVGVNIPIRHPAKGYLSLSFNPHNIETLIQSPEYTVRAKDHDFIIGGSAKLTIQGH
GGEGETTNIVVPAVAIECKRYLERNMLDECAGTAERLKRATPYCLYFVVAEYLKLDDGAPELTEIDEIYILRHQRNSERN
KPGFKPNPIDGELIWDLYQEVMNHLGKIWWDPNSALQRGKVFNRP
;
_entity_poly.pdbx_strand_id   A,B,C
#
loop_
_chem_comp.id
_chem_comp.type
_chem_comp.name
_chem_comp.formula
ACT non-polymer 'ACETATE ION' 'C2 H3 O2 -1'
GOL non-polymer GLYCEROL 'C3 H8 O3'
PO4 non-polymer 'PHOSPHATE ION' 'O4 P -3'
#
# COMPACT_ATOMS: atom_id res chain seq x y z
N ASN A 3 -1.77 -10.10 -31.07
CA ASN A 3 -2.81 -11.15 -31.24
C ASN A 3 -2.33 -12.46 -30.61
N GLN A 4 -2.55 -12.64 -29.32
CA GLN A 4 -2.19 -13.93 -28.69
C GLN A 4 -3.17 -14.12 -27.52
N PHE A 5 -2.72 -14.64 -26.38
CA PHE A 5 -3.62 -14.85 -25.23
C PHE A 5 -2.89 -14.40 -23.96
N ASN A 6 -2.14 -15.35 -23.38
CA ASN A 6 -1.38 -15.21 -22.10
C ASN A 6 -2.43 -15.02 -21.00
N PRO A 7 -3.44 -15.92 -20.93
CA PRO A 7 -4.49 -15.84 -19.93
C PRO A 7 -4.38 -16.99 -18.92
N LEU A 8 -3.17 -17.52 -18.68
CA LEU A 8 -2.98 -18.65 -17.75
C LEU A 8 -2.77 -18.13 -16.33
N VAL A 9 -3.47 -18.71 -15.37
CA VAL A 9 -3.31 -18.27 -13.95
C VAL A 9 -2.66 -19.35 -13.08
N TYR A 10 -2.62 -20.64 -13.47
CA TYR A 10 -1.86 -21.54 -12.56
C TYR A 10 -2.51 -21.59 -11.17
N THR A 11 -3.82 -21.84 -11.12
CA THR A 11 -4.52 -21.95 -9.84
C THR A 11 -3.82 -22.90 -8.85
N HIS A 12 -3.35 -24.05 -9.32
CA HIS A 12 -2.80 -25.06 -8.41
C HIS A 12 -1.41 -24.63 -7.97
N GLY A 13 -0.59 -24.16 -8.92
CA GLY A 13 0.72 -23.67 -8.53
C GLY A 13 0.60 -22.60 -7.45
N GLY A 14 -0.41 -21.72 -7.61
CA GLY A 14 -0.59 -20.61 -6.67
C GLY A 14 -0.91 -21.15 -5.27
N LYS A 15 -1.79 -22.16 -5.21
CA LYS A 15 -2.15 -22.86 -3.98
C LYS A 15 -0.96 -23.56 -3.33
N LEU A 16 -0.09 -24.19 -4.13
CA LEU A 16 1.15 -24.78 -3.61
C LEU A 16 2.02 -23.68 -2.98
N GLU A 17 2.12 -22.53 -3.64
CA GLU A 17 2.93 -21.44 -3.11
C GLU A 17 2.34 -20.90 -1.81
N ARG A 18 1.02 -20.72 -1.78
CA ARG A 18 0.32 -20.23 -0.60
C ARG A 18 0.63 -21.15 0.57
N LYS A 19 0.26 -22.44 0.43
CA LYS A 19 0.35 -23.44 1.48
C LYS A 19 1.79 -23.55 1.97
N SER A 20 2.74 -23.52 1.03
CA SER A 20 4.15 -23.52 1.37
C SER A 20 4.48 -22.42 2.39
N LYS A 21 3.92 -21.23 2.17
CA LYS A 21 4.14 -20.07 3.08
C LYS A 21 3.12 -20.12 4.23
N LYS A 22 1.86 -20.39 3.89
CA LYS A 22 0.77 -20.45 4.91
C LYS A 22 1.07 -21.58 5.91
N ASP A 23 1.56 -22.71 5.42
CA ASP A 23 1.88 -23.88 6.29
C ASP A 23 3.32 -24.32 6.03
N LYS A 24 4.21 -24.15 7.03
CA LYS A 24 5.63 -24.55 6.90
C LYS A 24 5.72 -26.08 6.87
N THR A 25 4.89 -26.75 7.68
CA THR A 25 4.88 -28.20 7.75
C THR A 25 4.61 -28.78 6.37
N ALA A 26 3.63 -28.21 5.66
CA ALA A 26 3.38 -28.56 4.27
C ALA A 26 4.66 -28.34 3.47
N SER A 27 5.23 -27.09 3.80
CA SER A 27 6.39 -26.61 3.09
C SER A 27 7.51 -27.67 3.17
N LYS A 28 7.71 -28.24 4.36
CA LYS A 28 8.72 -29.26 4.60
C LYS A 28 8.41 -30.50 3.75
N VAL A 29 7.16 -30.91 3.74
CA VAL A 29 6.79 -32.10 2.99
C VAL A 29 7.02 -31.88 1.49
N PHE A 30 6.63 -30.68 0.99
CA PHE A 30 6.76 -30.37 -0.44
C PHE A 30 8.21 -30.52 -0.90
N GLU A 31 9.19 -29.98 -0.15
N GLU A 31 9.19 -29.98 -0.15
CA GLU A 31 10.60 -30.09 -0.50
CA GLU A 31 10.60 -30.09 -0.50
C GLU A 31 11.07 -31.54 -0.40
C GLU A 31 11.07 -31.54 -0.40
N GLU A 32 10.77 -32.21 0.73
CA GLU A 32 11.26 -33.56 1.01
C GLU A 32 10.76 -34.55 -0.05
N PHE A 33 9.54 -34.37 -0.54
CA PHE A 33 8.93 -35.36 -1.44
C PHE A 33 8.86 -34.84 -2.87
N GLY A 34 9.48 -33.67 -3.14
CA GLY A 34 9.71 -33.21 -4.50
C GLY A 34 8.44 -32.71 -5.21
N VAL A 35 7.48 -32.19 -4.44
CA VAL A 35 6.21 -31.80 -5.05
C VAL A 35 6.41 -30.64 -6.03
N MET A 36 7.25 -29.68 -5.67
CA MET A 36 7.43 -28.47 -6.48
C MET A 36 8.08 -28.81 -7.83
N GLU A 37 9.01 -29.76 -7.86
CA GLU A 37 9.61 -30.13 -9.12
C GLU A 37 8.64 -30.98 -9.96
N ALA A 38 7.86 -31.85 -9.33
CA ALA A 38 6.88 -32.59 -10.10
C ALA A 38 5.90 -31.61 -10.74
N TYR A 39 5.54 -30.57 -9.99
CA TYR A 39 4.58 -29.58 -10.45
C TYR A 39 5.18 -28.81 -11.65
N ASN A 40 6.42 -28.33 -11.51
N ASN A 40 6.42 -28.34 -11.51
CA ASN A 40 7.12 -27.59 -12.55
CA ASN A 40 7.10 -27.60 -12.56
C ASN A 40 7.25 -28.43 -13.83
C ASN A 40 7.25 -28.43 -13.84
N CYS A 41 7.55 -29.72 -13.66
CA CYS A 41 7.58 -30.63 -14.78
C CYS A 41 6.19 -30.75 -15.45
N TRP A 42 5.10 -30.92 -14.67
CA TRP A 42 3.77 -30.97 -15.26
C TRP A 42 3.47 -29.72 -16.10
N LYS A 43 3.79 -28.56 -15.52
CA LYS A 43 3.49 -27.30 -16.15
C LYS A 43 4.26 -27.15 -17.45
N GLU A 44 5.57 -27.46 -17.41
N GLU A 44 5.58 -27.46 -17.42
CA GLU A 44 6.47 -27.36 -18.56
CA GLU A 44 6.41 -27.27 -18.61
C GLU A 44 5.97 -28.27 -19.68
C GLU A 44 5.97 -28.26 -19.70
N ALA A 45 5.65 -29.51 -19.33
CA ALA A 45 5.21 -30.49 -20.31
C ALA A 45 3.88 -30.08 -20.99
N SER A 46 2.97 -29.49 -20.22
CA SER A 46 1.66 -29.06 -20.69
C SER A 46 1.82 -27.88 -21.65
N LEU A 47 2.71 -26.93 -21.29
CA LEU A 47 2.91 -25.69 -22.03
C LEU A 47 3.60 -26.03 -23.35
N CYS A 48 4.31 -27.16 -23.39
CA CYS A 48 5.03 -27.62 -24.57
C CYS A 48 4.10 -28.27 -25.60
N ILE A 49 2.87 -28.66 -25.19
CA ILE A 49 1.88 -29.25 -26.09
C ILE A 49 0.98 -28.13 -26.59
N GLN A 50 1.22 -27.68 -27.82
CA GLN A 50 0.57 -26.45 -28.25
C GLN A 50 -0.59 -26.66 -29.23
N GLN A 51 -0.68 -27.82 -29.88
CA GLN A 51 -1.78 -28.02 -30.82
C GLN A 51 -2.92 -28.65 -30.02
N ARG A 52 -4.11 -28.74 -30.63
CA ARG A 52 -5.27 -29.25 -29.93
C ARG A 52 -6.03 -30.29 -30.79
N ASP A 53 -5.30 -31.04 -31.62
CA ASP A 53 -5.79 -32.23 -32.29
C ASP A 53 -5.90 -33.35 -31.26
N LYS A 54 -6.45 -34.50 -31.65
CA LYS A 54 -6.82 -35.49 -30.64
C LYS A 54 -5.55 -36.00 -29.95
N ASP A 55 -4.52 -36.27 -30.75
CA ASP A 55 -3.29 -36.77 -30.17
C ASP A 55 -2.72 -35.79 -29.15
N SER A 56 -2.76 -34.49 -29.45
CA SER A 56 -2.16 -33.54 -28.52
C SER A 56 -2.95 -33.55 -27.21
N VAL A 57 -4.27 -33.67 -27.32
CA VAL A 57 -5.09 -33.65 -26.11
C VAL A 57 -4.81 -34.89 -25.28
N LEU A 58 -4.64 -36.05 -25.92
CA LEU A 58 -4.28 -37.28 -25.20
C LEU A 58 -2.94 -37.10 -24.48
N LYS A 59 -2.01 -36.40 -25.11
CA LYS A 59 -0.72 -36.15 -24.47
C LYS A 59 -0.87 -35.23 -23.26
N LEU A 60 -1.69 -34.17 -23.35
CA LEU A 60 -1.92 -33.35 -22.15
C LEU A 60 -2.44 -34.21 -21.01
N VAL A 61 -3.32 -35.17 -21.31
CA VAL A 61 -3.98 -35.99 -20.29
C VAL A 61 -2.95 -36.96 -19.72
N ALA A 62 -2.07 -37.49 -20.58
CA ALA A 62 -0.96 -38.31 -20.05
C ALA A 62 -0.08 -37.52 -19.06
N ALA A 63 0.21 -36.24 -19.34
CA ALA A 63 0.98 -35.47 -18.37
C ALA A 63 0.20 -35.23 -17.07
N LEU A 64 -1.12 -35.03 -17.17
CA LEU A 64 -1.97 -34.87 -16.00
C LEU A 64 -1.94 -36.14 -15.15
N ASN A 65 -2.02 -37.30 -15.80
CA ASN A 65 -2.06 -38.57 -15.08
C ASN A 65 -0.75 -38.75 -14.30
N THR A 66 0.35 -38.38 -14.96
CA THR A 66 1.66 -38.51 -14.36
C THR A 66 1.72 -37.62 -13.13
N TYR A 67 1.31 -36.35 -13.28
CA TYR A 67 1.38 -35.42 -12.16
C TYR A 67 0.56 -35.93 -10.97
N LYS A 68 -0.68 -36.37 -11.21
CA LYS A 68 -1.49 -36.87 -10.12
C LYS A 68 -0.87 -38.14 -9.51
N ASP A 69 -0.36 -39.05 -10.36
CA ASP A 69 0.31 -40.23 -9.82
C ASP A 69 1.48 -39.83 -8.90
N ALA A 70 2.12 -38.70 -9.19
CA ALA A 70 3.25 -38.25 -8.39
C ALA A 70 2.80 -37.68 -7.04
N VAL A 71 1.86 -36.72 -7.03
CA VAL A 71 1.69 -35.89 -5.85
C VAL A 71 0.47 -36.30 -5.03
N GLU A 72 -0.53 -36.94 -5.67
CA GLU A 72 -1.71 -37.28 -4.91
C GLU A 72 -1.39 -38.20 -3.72
N PRO A 73 -0.54 -39.24 -3.90
CA PRO A 73 -0.14 -40.10 -2.77
C PRO A 73 0.55 -39.33 -1.65
N ILE A 74 1.25 -38.26 -2.02
CA ILE A 74 1.88 -37.45 -0.99
C ILE A 74 0.80 -36.64 -0.26
N PHE A 75 -0.10 -36.01 -1.03
CA PHE A 75 -1.15 -35.24 -0.38
C PHE A 75 -1.97 -36.15 0.56
N ASP A 76 -2.34 -37.36 0.08
CA ASP A 76 -3.23 -38.27 0.80
C ASP A 76 -2.54 -38.81 2.04
N SER A 77 -1.24 -39.09 1.98
CA SER A 77 -0.69 -39.80 3.11
C SER A 77 0.15 -38.92 4.05
N ARG A 78 0.57 -37.73 3.62
CA ARG A 78 1.49 -36.95 4.47
C ARG A 78 0.96 -35.55 4.77
N LEU A 79 -0.21 -35.22 4.26
CA LEU A 79 -0.85 -33.91 4.56
C LEU A 79 -2.33 -34.17 4.73
N ASN A 80 -2.77 -34.52 5.94
CA ASN A 80 -4.21 -34.78 6.23
C ASN A 80 -5.00 -33.48 6.07
N SER A 81 -4.57 -32.43 6.75
CA SER A 81 -5.27 -31.11 6.68
C SER A 81 -5.37 -30.65 5.22
N ALA A 82 -4.29 -30.73 4.45
CA ALA A 82 -4.34 -30.27 3.05
C ALA A 82 -4.92 -31.34 2.12
N GLN A 83 -6.23 -31.59 2.21
CA GLN A 83 -6.88 -32.61 1.35
C GLN A 83 -7.55 -31.89 0.20
N GLU A 84 -8.63 -31.13 0.49
CA GLU A 84 -9.40 -30.30 -0.48
C GLU A 84 -8.82 -28.88 -0.51
N VAL A 85 -7.63 -28.71 0.06
CA VAL A 85 -6.85 -27.45 0.06
C VAL A 85 -5.94 -27.48 -1.16
N LEU A 86 -5.48 -28.65 -1.60
CA LEU A 86 -4.51 -28.69 -2.73
C LEU A 86 -4.95 -29.60 -3.87
N GLN A 87 -5.60 -30.73 -3.57
CA GLN A 87 -5.95 -31.70 -4.63
C GLN A 87 -6.98 -31.17 -5.65
N PRO A 88 -8.07 -30.49 -5.26
CA PRO A 88 -9.09 -30.04 -6.22
C PRO A 88 -8.57 -29.05 -7.27
N SER A 89 -7.52 -28.27 -6.92
CA SER A 89 -7.04 -27.27 -7.85
C SER A 89 -6.28 -27.90 -9.02
N ILE A 90 -5.95 -29.20 -8.97
CA ILE A 90 -5.19 -29.84 -10.05
C ILE A 90 -6.01 -29.89 -11.33
N LEU A 91 -7.25 -30.39 -11.28
CA LEU A 91 -8.12 -30.39 -12.46
C LEU A 91 -8.39 -28.97 -12.93
N GLU A 92 -8.49 -28.03 -12.00
CA GLU A 92 -8.79 -26.67 -12.40
C GLU A 92 -7.66 -26.13 -13.26
N GLU A 93 -6.40 -26.31 -12.81
CA GLU A 93 -5.23 -25.90 -13.57
C GLU A 93 -5.12 -26.70 -14.88
N PHE A 94 -5.51 -27.97 -14.84
CA PHE A 94 -5.54 -28.73 -16.09
C PHE A 94 -6.44 -28.03 -17.12
N PHE A 95 -7.66 -27.64 -16.72
CA PHE A 95 -8.53 -26.98 -17.69
C PHE A 95 -7.95 -25.60 -18.12
N GLU A 96 -7.14 -24.96 -17.30
CA GLU A 96 -6.43 -23.74 -17.72
C GLU A 96 -5.47 -24.02 -18.89
N TYR A 97 -4.70 -25.10 -18.81
CA TYR A 97 -3.86 -25.54 -19.92
C TYR A 97 -4.71 -25.91 -21.14
N LEU A 98 -5.75 -26.74 -20.95
CA LEU A 98 -6.46 -27.28 -22.11
C LEU A 98 -7.01 -26.12 -22.92
N PHE A 99 -7.50 -25.07 -22.23
CA PHE A 99 -8.20 -23.98 -22.90
C PHE A 99 -7.33 -22.74 -23.10
N SER A 100 -6.00 -22.89 -22.94
CA SER A 100 -5.17 -21.70 -22.99
C SER A 100 -4.97 -21.17 -24.42
N ARG A 101 -5.31 -22.01 -25.41
CA ARG A 101 -5.08 -21.62 -26.83
C ARG A 101 -6.41 -21.50 -27.59
N ILE A 102 -7.45 -21.00 -26.93
CA ILE A 102 -8.71 -20.83 -27.63
C ILE A 102 -8.75 -19.51 -28.40
N ASP A 103 -7.89 -18.56 -28.03
CA ASP A 103 -8.08 -17.17 -28.46
C ASP A 103 -8.13 -17.07 -29.99
N SER A 104 -7.15 -17.64 -30.70
CA SER A 104 -7.15 -17.53 -32.15
C SER A 104 -8.32 -18.30 -32.78
N ILE A 105 -8.68 -19.49 -32.25
CA ILE A 105 -9.81 -20.22 -32.81
C ILE A 105 -11.10 -19.41 -32.71
N VAL A 106 -11.42 -18.90 -31.52
CA VAL A 106 -12.68 -18.23 -31.25
C VAL A 106 -12.64 -16.79 -31.79
N GLY A 107 -11.44 -16.25 -32.05
CA GLY A 107 -11.27 -14.94 -32.67
C GLY A 107 -11.50 -13.77 -31.71
N VAL A 108 -11.33 -14.01 -30.41
CA VAL A 108 -11.49 -12.97 -29.41
C VAL A 108 -10.69 -13.33 -28.16
N ASN A 109 -10.29 -12.30 -27.40
CA ASN A 109 -9.48 -12.52 -26.19
C ASN A 109 -10.40 -12.77 -25.01
N ILE A 110 -10.46 -14.03 -24.56
CA ILE A 110 -11.41 -14.35 -23.52
C ILE A 110 -10.75 -14.00 -22.19
N PRO A 111 -11.29 -13.07 -21.37
CA PRO A 111 -10.59 -12.68 -20.13
C PRO A 111 -10.67 -13.73 -19.01
N ILE A 112 -11.72 -14.54 -18.95
CA ILE A 112 -11.88 -15.43 -17.81
C ILE A 112 -11.71 -16.89 -18.27
N ARG A 113 -10.69 -17.55 -17.74
CA ARG A 113 -10.37 -18.99 -17.98
C ARG A 113 -9.72 -19.43 -16.67
N HIS A 114 -10.56 -19.60 -15.64
N HIS A 114 -10.56 -19.60 -15.64
CA HIS A 114 -10.07 -19.97 -14.33
CA HIS A 114 -10.07 -19.97 -14.33
C HIS A 114 -11.28 -20.03 -13.39
C HIS A 114 -11.27 -20.03 -13.40
N PRO A 115 -11.14 -20.57 -12.16
CA PRO A 115 -12.24 -20.57 -11.19
C PRO A 115 -12.69 -19.11 -11.00
N ALA A 116 -14.00 -18.89 -10.82
CA ALA A 116 -14.47 -17.55 -10.60
C ALA A 116 -15.90 -17.62 -10.08
N LYS A 117 -16.44 -16.48 -9.63
CA LYS A 117 -17.83 -16.40 -9.21
C LYS A 117 -18.74 -15.98 -10.37
N GLY A 118 -19.57 -16.92 -10.85
CA GLY A 118 -20.43 -16.65 -11.98
C GLY A 118 -21.73 -15.98 -11.51
N TYR A 119 -22.06 -14.84 -12.14
CA TYR A 119 -23.26 -14.06 -11.87
C TYR A 119 -24.51 -14.94 -11.77
N LEU A 120 -25.32 -14.77 -10.71
CA LEU A 120 -26.58 -15.49 -10.60
C LEU A 120 -27.78 -14.53 -10.59
N SER A 121 -27.69 -13.40 -9.82
CA SER A 121 -28.87 -12.55 -9.69
C SER A 121 -28.51 -11.20 -9.06
N LEU A 122 -29.42 -10.24 -9.26
CA LEU A 122 -29.39 -8.88 -8.73
C LEU A 122 -30.69 -8.66 -7.96
N SER A 123 -30.56 -8.23 -6.71
CA SER A 123 -31.74 -7.88 -5.97
C SER A 123 -31.51 -6.59 -5.19
N PHE A 124 -32.60 -5.93 -4.81
CA PHE A 124 -32.54 -4.63 -4.18
C PHE A 124 -32.94 -4.80 -2.73
N ASN A 125 -32.13 -4.25 -1.85
CA ASN A 125 -32.35 -4.30 -0.39
C ASN A 125 -32.06 -2.91 0.15
N PRO A 126 -32.87 -1.90 -0.20
CA PRO A 126 -32.56 -0.52 0.19
C PRO A 126 -32.69 -0.37 1.70
N HIS A 127 -31.92 0.59 2.22
CA HIS A 127 -31.81 0.79 3.65
C HIS A 127 -33.12 1.41 4.17
N ASN A 128 -33.63 2.42 3.46
CA ASN A 128 -34.85 3.09 3.84
C ASN A 128 -35.46 3.69 2.58
N ILE A 129 -36.55 4.43 2.76
CA ILE A 129 -37.26 4.95 1.61
C ILE A 129 -36.42 6.02 0.93
N GLU A 130 -35.68 6.79 1.74
CA GLU A 130 -34.85 7.86 1.19
C GLU A 130 -33.72 7.27 0.32
N THR A 131 -33.04 6.22 0.79
CA THR A 131 -32.04 5.59 -0.04
C THR A 131 -32.64 4.85 -1.24
N LEU A 132 -33.89 4.33 -1.10
CA LEU A 132 -34.54 3.64 -2.23
C LEU A 132 -34.62 4.61 -3.39
N ILE A 133 -35.08 5.85 -3.13
CA ILE A 133 -35.21 6.86 -4.18
C ILE A 133 -33.82 7.32 -4.67
N GLN A 134 -32.90 7.63 -3.75
CA GLN A 134 -31.67 8.37 -4.07
C GLN A 134 -30.59 7.47 -4.65
N SER A 135 -30.35 6.28 -4.04
CA SER A 135 -29.29 5.36 -4.41
C SER A 135 -29.54 3.99 -3.79
N PRO A 136 -30.41 3.17 -4.41
CA PRO A 136 -30.86 1.91 -3.81
C PRO A 136 -29.74 0.88 -3.67
N GLU A 137 -29.54 0.45 -2.42
CA GLU A 137 -28.58 -0.59 -2.14
C GLU A 137 -29.05 -1.88 -2.81
N TYR A 138 -28.07 -2.70 -3.24
CA TYR A 138 -28.43 -3.91 -3.97
C TYR A 138 -27.42 -4.99 -3.66
N THR A 139 -27.75 -6.22 -4.01
CA THR A 139 -26.83 -7.32 -3.82
C THR A 139 -26.76 -8.07 -5.14
N VAL A 140 -25.54 -8.37 -5.56
CA VAL A 140 -25.35 -9.29 -6.67
C VAL A 140 -24.93 -10.62 -6.07
N ARG A 141 -25.71 -11.66 -6.39
CA ARG A 141 -25.41 -13.06 -5.96
C ARG A 141 -24.60 -13.72 -7.09
N ALA A 142 -23.64 -14.57 -6.72
CA ALA A 142 -22.75 -15.25 -7.65
C ALA A 142 -22.36 -16.60 -7.05
N LYS A 143 -22.09 -17.61 -7.88
CA LYS A 143 -21.65 -18.89 -7.34
C LYS A 143 -20.23 -19.16 -7.83
N ASP A 144 -19.33 -19.48 -6.89
CA ASP A 144 -18.01 -20.04 -7.17
C ASP A 144 -18.11 -21.27 -8.05
N HIS A 145 -17.42 -21.26 -9.17
CA HIS A 145 -17.33 -22.49 -9.95
C HIS A 145 -15.84 -22.80 -10.06
N ASP A 146 -15.55 -24.10 -10.24
CA ASP A 146 -14.18 -24.60 -10.26
C ASP A 146 -13.48 -24.14 -11.54
N PHE A 147 -14.25 -23.90 -12.61
CA PHE A 147 -13.63 -23.43 -13.85
C PHE A 147 -14.67 -22.70 -14.71
N ILE A 148 -14.40 -21.46 -15.12
CA ILE A 148 -15.28 -20.68 -15.98
C ILE A 148 -14.53 -20.20 -17.23
N ILE A 149 -15.15 -20.38 -18.39
CA ILE A 149 -14.73 -19.60 -19.54
C ILE A 149 -15.81 -18.54 -19.76
N GLY A 150 -15.42 -17.25 -19.78
CA GLY A 150 -16.47 -16.23 -19.89
C GLY A 150 -15.94 -14.79 -19.94
N GLY A 151 -16.89 -13.84 -19.92
CA GLY A 151 -16.60 -12.41 -20.02
C GLY A 151 -16.65 -11.75 -18.65
N SER A 152 -16.06 -10.55 -18.56
CA SER A 152 -16.28 -9.79 -17.34
C SER A 152 -17.00 -8.50 -17.72
N ALA A 153 -17.88 -8.07 -16.82
CA ALA A 153 -18.73 -6.94 -17.11
C ALA A 153 -18.82 -6.06 -15.86
N LYS A 154 -19.19 -4.81 -16.09
N LYS A 154 -19.19 -4.81 -16.09
CA LYS A 154 -19.43 -3.92 -14.97
CA LYS A 154 -19.47 -3.91 -14.99
C LYS A 154 -20.92 -3.64 -14.98
C LYS A 154 -20.99 -3.71 -14.96
N LEU A 155 -21.52 -3.79 -13.80
N LEU A 155 -21.56 -3.85 -13.78
CA LEU A 155 -22.93 -3.52 -13.57
CA LEU A 155 -22.95 -3.53 -13.54
C LEU A 155 -23.02 -2.25 -12.72
C LEU A 155 -23.01 -2.24 -12.72
N THR A 156 -23.81 -1.26 -13.18
CA THR A 156 -23.96 -0.01 -12.46
C THR A 156 -25.41 0.23 -12.14
N ILE A 157 -25.67 0.70 -10.91
CA ILE A 157 -27.01 1.12 -10.53
C ILE A 157 -26.95 2.58 -10.09
N GLN A 158 -27.90 3.40 -10.57
CA GLN A 158 -28.00 4.79 -10.16
C GLN A 158 -29.43 5.13 -9.83
N GLY A 159 -29.67 5.76 -8.67
CA GLY A 159 -30.99 6.30 -8.35
C GLY A 159 -31.07 7.80 -8.68
N HIS A 160 -31.94 8.53 -7.95
CA HIS A 160 -32.18 9.94 -8.20
C HIS A 160 -30.95 10.81 -7.85
N GLY A 161 -30.14 10.40 -6.88
CA GLY A 161 -28.91 11.08 -6.51
C GLY A 161 -27.90 11.18 -7.64
N GLY A 162 -27.93 10.23 -8.59
CA GLY A 162 -27.12 10.30 -9.79
C GLY A 162 -25.76 9.62 -9.66
N GLU A 163 -25.26 9.45 -8.44
CA GLU A 163 -23.95 8.84 -8.22
C GLU A 163 -24.09 7.31 -8.31
N GLY A 164 -23.34 6.68 -9.23
CA GLY A 164 -23.49 5.26 -9.46
C GLY A 164 -22.75 4.41 -8.44
N GLU A 165 -23.24 3.18 -8.24
CA GLU A 165 -22.45 2.15 -7.61
C GLU A 165 -22.24 1.05 -8.62
N THR A 166 -21.00 0.61 -8.76
CA THR A 166 -20.64 -0.37 -9.76
C THR A 166 -20.24 -1.66 -9.06
N THR A 167 -20.55 -2.79 -9.69
CA THR A 167 -20.01 -4.08 -9.28
C THR A 167 -19.43 -4.76 -10.51
N ASN A 168 -18.29 -5.44 -10.35
CA ASN A 168 -17.73 -6.23 -11.43
C ASN A 168 -18.34 -7.63 -11.38
N ILE A 169 -18.70 -8.20 -12.53
CA ILE A 169 -19.29 -9.52 -12.46
C ILE A 169 -18.60 -10.36 -13.52
N VAL A 170 -18.89 -11.66 -13.46
CA VAL A 170 -18.40 -12.60 -14.45
C VAL A 170 -19.62 -13.26 -15.09
N VAL A 171 -19.64 -13.29 -16.43
CA VAL A 171 -20.77 -13.84 -17.16
C VAL A 171 -20.24 -15.07 -17.89
N PRO A 172 -20.49 -16.29 -17.41
CA PRO A 172 -19.83 -17.47 -17.98
C PRO A 172 -20.48 -17.89 -19.29
N ALA A 173 -19.67 -18.39 -20.23
CA ALA A 173 -20.13 -19.13 -21.42
C ALA A 173 -20.03 -20.64 -21.17
N VAL A 174 -19.05 -21.07 -20.34
CA VAL A 174 -18.92 -22.45 -19.89
C VAL A 174 -18.57 -22.45 -18.41
N ALA A 175 -19.19 -23.33 -17.63
CA ALA A 175 -18.83 -23.52 -16.22
C ALA A 175 -18.57 -25.01 -15.97
N ILE A 176 -17.46 -25.31 -15.27
CA ILE A 176 -17.14 -26.71 -14.99
C ILE A 176 -16.92 -26.87 -13.49
N GLU A 177 -17.63 -27.81 -12.86
CA GLU A 177 -17.24 -28.22 -11.50
C GLU A 177 -16.33 -29.44 -11.57
N CYS A 178 -15.27 -29.45 -10.74
CA CYS A 178 -14.26 -30.50 -10.68
C CYS A 178 -14.25 -31.15 -9.29
N LYS A 179 -14.59 -32.44 -9.23
CA LYS A 179 -14.70 -33.14 -7.97
C LYS A 179 -13.86 -34.42 -8.04
N ARG A 180 -13.28 -34.84 -6.91
CA ARG A 180 -12.55 -36.10 -6.92
C ARG A 180 -13.57 -37.25 -6.97
N TYR A 181 -14.60 -37.20 -6.14
CA TYR A 181 -15.70 -38.11 -6.38
C TYR A 181 -17.04 -37.39 -6.31
N LEU A 182 -18.03 -37.97 -7.00
CA LEU A 182 -19.37 -37.42 -7.04
C LEU A 182 -20.27 -38.21 -6.10
N GLU A 183 -20.70 -37.57 -4.99
CA GLU A 183 -21.56 -38.19 -3.95
C GLU A 183 -23.03 -37.77 -4.16
N ARG A 184 -23.83 -37.64 -3.09
CA ARG A 184 -25.25 -37.26 -3.30
C ARG A 184 -25.52 -35.80 -2.90
N ASN A 185 -24.98 -35.40 -1.75
CA ASN A 185 -25.12 -34.01 -1.24
C ASN A 185 -24.47 -33.03 -2.22
N MET A 186 -23.47 -33.45 -2.99
CA MET A 186 -22.82 -32.46 -3.81
C MET A 186 -23.52 -32.37 -5.17
N LEU A 187 -24.04 -33.53 -5.61
CA LEU A 187 -24.80 -33.60 -6.89
C LEU A 187 -26.08 -32.76 -6.73
N ASP A 188 -26.78 -32.92 -5.60
CA ASP A 188 -27.98 -32.13 -5.35
C ASP A 188 -27.66 -30.65 -5.38
N GLU A 189 -26.51 -30.30 -4.80
CA GLU A 189 -26.04 -28.89 -4.72
C GLU A 189 -25.74 -28.39 -6.14
N CYS A 190 -25.25 -29.27 -7.02
CA CYS A 190 -24.95 -28.85 -8.38
C CYS A 190 -26.25 -28.71 -9.18
N ALA A 191 -27.21 -29.55 -8.83
CA ALA A 191 -28.51 -29.62 -9.49
C ALA A 191 -29.20 -28.25 -9.35
N GLY A 192 -29.20 -27.76 -8.10
CA GLY A 192 -29.85 -26.54 -7.68
C GLY A 192 -29.06 -25.33 -8.17
N THR A 193 -27.73 -25.49 -8.27
CA THR A 193 -26.95 -24.43 -8.89
C THR A 193 -27.22 -24.35 -10.39
N ALA A 194 -27.32 -25.49 -11.09
CA ALA A 194 -27.58 -25.47 -12.52
C ALA A 194 -28.90 -24.73 -12.81
N GLU A 195 -29.89 -24.86 -11.91
CA GLU A 195 -31.18 -24.22 -12.15
C GLU A 195 -30.96 -22.72 -12.19
N ARG A 196 -30.33 -22.18 -11.14
CA ARG A 196 -30.06 -20.76 -10.98
C ARG A 196 -29.23 -20.24 -12.14
N LEU A 197 -28.26 -21.02 -12.59
CA LEU A 197 -27.29 -20.61 -13.59
C LEU A 197 -27.96 -20.48 -14.96
N LYS A 198 -28.86 -21.43 -15.28
CA LYS A 198 -29.53 -21.41 -16.57
C LYS A 198 -30.56 -20.28 -16.62
N ARG A 199 -31.07 -19.85 -15.46
CA ARG A 199 -31.92 -18.68 -15.40
C ARG A 199 -31.06 -17.40 -15.60
N ALA A 200 -29.89 -17.32 -14.97
CA ALA A 200 -29.03 -16.13 -15.05
C ALA A 200 -28.39 -16.00 -16.43
N THR A 201 -28.00 -17.16 -16.99
CA THR A 201 -27.18 -17.21 -18.19
C THR A 201 -27.62 -18.42 -19.00
N PRO A 202 -28.75 -18.37 -19.75
CA PRO A 202 -29.26 -19.56 -20.43
C PRO A 202 -28.34 -20.15 -21.49
N TYR A 203 -27.30 -19.43 -21.90
CA TYR A 203 -26.45 -19.98 -22.94
C TYR A 203 -25.14 -20.51 -22.37
N CYS A 204 -25.05 -20.62 -21.05
CA CYS A 204 -23.86 -21.17 -20.41
C CYS A 204 -23.97 -22.69 -20.39
N LEU A 205 -22.97 -23.40 -20.88
CA LEU A 205 -22.85 -24.85 -20.81
C LEU A 205 -22.31 -25.19 -19.40
N TYR A 206 -22.96 -26.15 -18.72
CA TYR A 206 -22.60 -26.49 -17.35
C TYR A 206 -22.22 -27.98 -17.26
N PHE A 207 -20.97 -28.28 -16.90
CA PHE A 207 -20.48 -29.64 -16.78
C PHE A 207 -20.11 -29.96 -15.33
N VAL A 208 -20.29 -31.24 -14.95
CA VAL A 208 -19.72 -31.75 -13.71
C VAL A 208 -18.71 -32.82 -14.11
N VAL A 209 -17.46 -32.64 -13.64
CA VAL A 209 -16.38 -33.55 -13.94
C VAL A 209 -15.90 -34.18 -12.63
N ALA A 210 -15.94 -35.51 -12.56
CA ALA A 210 -15.48 -36.23 -11.38
C ALA A 210 -14.51 -37.31 -11.83
N GLU A 211 -13.70 -37.84 -10.89
CA GLU A 211 -12.88 -38.98 -11.22
C GLU A 211 -13.58 -40.29 -10.92
N TYR A 212 -14.23 -40.33 -9.77
CA TYR A 212 -14.89 -41.54 -9.30
C TYR A 212 -16.35 -41.21 -8.98
N LEU A 213 -17.21 -42.23 -9.07
CA LEU A 213 -18.62 -42.06 -8.76
C LEU A 213 -18.89 -42.76 -7.43
N LYS A 214 -19.40 -41.99 -6.46
CA LYS A 214 -19.72 -42.54 -5.10
C LYS A 214 -21.21 -42.34 -4.83
N LEU A 215 -22.09 -43.03 -5.57
CA LEU A 215 -23.56 -42.92 -5.36
C LEU A 215 -24.14 -44.33 -5.08
N ASP A 216 -25.26 -44.42 -4.35
CA ASP A 216 -25.91 -45.70 -3.97
C ASP A 216 -27.08 -45.97 -4.92
N ASP A 217 -28.17 -46.56 -4.40
CA ASP A 217 -29.34 -46.86 -5.21
C ASP A 217 -30.02 -45.57 -5.71
N GLY A 218 -29.80 -44.48 -4.98
CA GLY A 218 -30.63 -43.31 -5.10
C GLY A 218 -30.62 -42.80 -6.53
N ALA A 219 -31.80 -42.41 -7.02
CA ALA A 219 -31.95 -41.89 -8.38
C ALA A 219 -31.57 -40.42 -8.37
N PRO A 220 -30.53 -39.99 -9.12
CA PRO A 220 -30.14 -38.58 -9.14
C PRO A 220 -31.00 -37.78 -10.10
N GLU A 221 -31.08 -36.47 -9.82
CA GLU A 221 -31.78 -35.48 -10.69
C GLU A 221 -30.69 -34.81 -11.53
N LEU A 222 -30.75 -34.96 -12.86
CA LEU A 222 -29.67 -34.44 -13.75
C LEU A 222 -30.15 -33.19 -14.48
N THR A 223 -31.19 -32.57 -13.97
CA THR A 223 -31.88 -31.43 -14.55
C THR A 223 -30.91 -30.27 -14.85
N GLU A 224 -30.77 -29.93 -16.13
N GLU A 224 -30.77 -29.98 -16.15
CA GLU A 224 -30.10 -28.70 -16.56
CA GLU A 224 -30.10 -28.80 -16.68
C GLU A 224 -28.59 -28.83 -16.47
C GLU A 224 -28.59 -28.84 -16.46
N ILE A 225 -28.10 -29.95 -15.91
CA ILE A 225 -26.67 -30.22 -16.04
C ILE A 225 -26.48 -30.76 -17.45
N ASP A 226 -25.57 -30.14 -18.20
CA ASP A 226 -25.33 -30.51 -19.57
C ASP A 226 -24.64 -31.88 -19.65
N GLU A 227 -23.61 -32.09 -18.83
CA GLU A 227 -23.01 -33.42 -18.84
C GLU A 227 -22.24 -33.64 -17.56
N ILE A 228 -22.22 -34.92 -17.13
CA ILE A 228 -21.43 -35.34 -15.99
C ILE A 228 -20.43 -36.41 -16.45
N TYR A 229 -19.15 -36.21 -16.15
CA TYR A 229 -18.09 -37.14 -16.54
C TYR A 229 -17.55 -37.89 -15.32
N ILE A 230 -17.24 -39.19 -15.48
CA ILE A 230 -16.55 -39.99 -14.47
C ILE A 230 -15.25 -40.42 -15.11
N LEU A 231 -14.18 -39.66 -14.87
CA LEU A 231 -13.00 -39.77 -15.69
C LEU A 231 -12.28 -41.11 -15.54
N ARG A 232 -12.47 -41.83 -14.41
CA ARG A 232 -11.70 -43.06 -14.23
C ARG A 232 -12.58 -44.29 -14.39
N HIS A 233 -13.85 -44.07 -14.78
CA HIS A 233 -14.82 -45.17 -14.99
C HIS A 233 -14.83 -46.10 -13.76
N GLN A 234 -14.55 -45.53 -12.58
CA GLN A 234 -14.53 -46.32 -11.32
C GLN A 234 -15.48 -45.68 -10.29
N ARG A 235 -16.23 -46.50 -9.56
CA ARG A 235 -16.70 -46.31 -8.33
CA ARG A 235 -16.74 -46.26 -8.25
C ARG A 235 -15.82 -46.17 -6.88
N ASN A 236 -16.15 -45.09 -6.16
CA ASN A 236 -15.24 -44.53 -5.12
C ASN A 236 -14.96 -45.62 -4.07
N SER A 237 -15.88 -46.58 -3.93
CA SER A 237 -15.72 -47.68 -2.95
C SER A 237 -14.55 -48.59 -3.35
N GLU A 238 -14.16 -48.58 -4.62
CA GLU A 238 -13.08 -49.47 -5.01
C GLU A 238 -11.78 -49.05 -4.33
N ARG A 239 -11.69 -47.74 -3.99
CA ARG A 239 -10.42 -47.12 -3.69
C ARG A 239 -9.79 -47.67 -2.41
N ASN A 240 -10.60 -48.17 -1.47
CA ASN A 240 -10.06 -48.60 -0.19
C ASN A 240 -9.86 -50.12 -0.16
N LYS A 241 -9.95 -50.79 -1.32
CA LYS A 241 -9.84 -52.25 -1.31
C LYS A 241 -8.38 -52.65 -1.50
N PRO A 242 -7.96 -53.77 -0.88
CA PRO A 242 -6.62 -54.31 -1.12
C PRO A 242 -6.42 -54.52 -2.61
N GLY A 243 -5.24 -54.19 -3.14
CA GLY A 243 -4.99 -54.39 -4.55
C GLY A 243 -5.64 -53.34 -5.48
N PHE A 244 -6.42 -52.39 -4.96
CA PHE A 244 -7.01 -51.37 -5.81
C PHE A 244 -5.94 -50.74 -6.67
N LYS A 245 -6.15 -50.55 -7.90
CA LYS A 245 -5.27 -49.65 -8.64
C LYS A 245 -6.12 -48.65 -9.42
N PRO A 246 -5.94 -47.46 -9.41
CA PRO A 246 -6.80 -46.46 -10.07
C PRO A 246 -6.65 -46.59 -11.58
N ASN A 247 -7.76 -46.71 -12.31
CA ASN A 247 -7.69 -46.47 -13.75
C ASN A 247 -7.17 -45.05 -13.98
N PRO A 248 -6.43 -44.79 -15.08
CA PRO A 248 -6.00 -43.43 -15.38
C PRO A 248 -7.20 -42.58 -15.77
N ILE A 249 -7.09 -41.26 -15.61
CA ILE A 249 -8.07 -40.39 -16.24
C ILE A 249 -8.12 -40.69 -17.74
N ASP A 250 -9.35 -40.93 -18.26
CA ASP A 250 -9.59 -41.33 -19.64
C ASP A 250 -9.49 -40.13 -20.58
N GLY A 251 -8.46 -40.12 -21.45
CA GLY A 251 -8.20 -39.05 -22.40
C GLY A 251 -9.32 -38.90 -23.43
N GLU A 252 -10.03 -40.00 -23.72
N GLU A 252 -10.03 -40.00 -23.72
CA GLU A 252 -11.12 -39.97 -24.68
CA GLU A 252 -11.12 -39.97 -24.68
C GLU A 252 -12.22 -39.08 -24.13
C GLU A 252 -12.23 -39.08 -24.14
N LEU A 253 -12.48 -39.15 -22.82
CA LEU A 253 -13.51 -38.29 -22.24
C LEU A 253 -13.08 -36.81 -22.27
N ILE A 254 -11.81 -36.52 -21.98
CA ILE A 254 -11.34 -35.14 -22.07
C ILE A 254 -11.45 -34.60 -23.50
N TRP A 255 -11.16 -35.43 -24.49
CA TRP A 255 -11.29 -35.09 -25.90
C TRP A 255 -12.74 -34.73 -26.21
N ASP A 256 -13.68 -35.56 -25.72
N ASP A 256 -13.67 -35.55 -25.72
CA ASP A 256 -15.10 -35.31 -25.88
CA ASP A 256 -15.11 -35.31 -25.87
C ASP A 256 -15.46 -33.93 -25.31
C ASP A 256 -15.46 -33.93 -25.31
N LEU A 257 -15.04 -33.67 -24.06
CA LEU A 257 -15.33 -32.42 -23.37
C LEU A 257 -14.74 -31.23 -24.14
N TYR A 258 -13.50 -31.36 -24.64
CA TYR A 258 -12.81 -30.29 -25.33
C TYR A 258 -13.62 -29.95 -26.59
N GLN A 259 -14.08 -31.01 -27.29
CA GLN A 259 -14.78 -30.81 -28.55
C GLN A 259 -16.11 -30.13 -28.31
N GLU A 260 -16.79 -30.52 -27.23
CA GLU A 260 -18.12 -29.97 -26.87
C GLU A 260 -18.00 -28.49 -26.49
N VAL A 261 -16.93 -28.13 -25.76
CA VAL A 261 -16.74 -26.76 -25.33
C VAL A 261 -16.48 -25.89 -26.56
N MET A 262 -15.54 -26.32 -27.43
N MET A 262 -15.54 -26.32 -27.43
CA MET A 262 -15.18 -25.53 -28.60
CA MET A 262 -15.18 -25.53 -28.60
C MET A 262 -16.40 -25.32 -29.50
C MET A 262 -16.40 -25.33 -29.51
N ASN A 263 -17.15 -26.40 -29.72
N ASN A 263 -17.16 -26.40 -29.73
CA ASN A 263 -18.35 -26.30 -30.57
CA ASN A 263 -18.35 -26.30 -30.57
C ASN A 263 -19.27 -25.22 -30.00
C ASN A 263 -19.27 -25.22 -30.00
N HIS A 264 -19.46 -25.21 -28.68
CA HIS A 264 -20.33 -24.27 -28.02
C HIS A 264 -19.79 -22.83 -28.19
N LEU A 265 -18.47 -22.64 -28.04
CA LEU A 265 -17.89 -21.30 -28.08
C LEU A 265 -17.99 -20.72 -29.47
N GLY A 266 -18.01 -21.59 -30.49
CA GLY A 266 -17.98 -21.12 -31.87
C GLY A 266 -19.37 -20.79 -32.43
N LYS A 267 -20.43 -20.95 -31.63
CA LYS A 267 -21.78 -20.92 -32.18
C LYS A 267 -22.44 -19.60 -31.85
N ILE A 268 -23.46 -19.21 -32.62
CA ILE A 268 -24.40 -18.18 -32.25
C ILE A 268 -25.51 -18.88 -31.47
N TRP A 269 -25.73 -18.47 -30.22
CA TRP A 269 -26.52 -19.31 -29.32
C TRP A 269 -28.03 -19.25 -29.57
N TRP A 270 -28.55 -18.06 -29.88
CA TRP A 270 -29.93 -18.00 -30.40
C TRP A 270 -29.88 -17.34 -31.77
N ASP A 271 -30.21 -18.13 -32.79
CA ASP A 271 -30.09 -17.75 -34.18
C ASP A 271 -31.44 -18.03 -34.84
N PRO A 272 -32.38 -17.07 -34.82
CA PRO A 272 -33.73 -17.28 -35.33
C PRO A 272 -33.83 -17.81 -36.76
N ASN A 273 -33.01 -17.26 -37.68
CA ASN A 273 -33.16 -17.65 -39.08
C ASN A 273 -32.63 -19.07 -39.26
N SER A 274 -31.67 -19.43 -38.42
CA SER A 274 -31.14 -20.77 -38.44
C SER A 274 -32.16 -21.78 -37.90
N ALA A 275 -32.86 -21.41 -36.83
CA ALA A 275 -33.98 -22.14 -36.27
C ALA A 275 -35.04 -22.44 -37.33
N LEU A 276 -35.50 -21.38 -38.02
CA LEU A 276 -36.48 -21.46 -39.10
C LEU A 276 -36.01 -22.38 -40.22
N GLN A 277 -34.78 -22.19 -40.67
CA GLN A 277 -34.31 -23.03 -41.76
C GLN A 277 -34.23 -24.49 -41.31
N ARG A 278 -33.71 -24.74 -40.09
CA ARG A 278 -33.50 -26.10 -39.58
C ARG A 278 -34.84 -26.76 -39.27
N GLY A 279 -35.78 -25.98 -38.73
CA GLY A 279 -37.04 -26.53 -38.29
C GLY A 279 -37.03 -26.89 -36.81
N LYS A 280 -35.83 -26.90 -36.23
CA LYS A 280 -35.66 -27.17 -34.78
C LYS A 280 -34.64 -26.20 -34.19
N VAL A 281 -35.03 -25.56 -33.08
CA VAL A 281 -34.25 -24.59 -32.35
C VAL A 281 -32.93 -25.18 -31.82
N PHE A 282 -32.86 -26.47 -31.46
CA PHE A 282 -31.64 -27.09 -30.99
C PHE A 282 -31.18 -28.15 -31.97
N ASN A 283 -29.89 -28.12 -32.31
CA ASN A 283 -29.30 -29.10 -33.26
C ASN A 283 -28.40 -30.08 -32.50
N ARG A 284 -27.78 -31.02 -33.22
CA ARG A 284 -26.90 -32.04 -32.60
C ARG A 284 -25.68 -31.34 -32.00
N ASN B 3 12.16 43.57 -3.67
CA ASN B 3 11.59 44.79 -4.33
C ASN B 3 10.28 44.44 -5.00
N GLN B 4 9.29 44.05 -4.18
CA GLN B 4 7.98 43.60 -4.64
C GLN B 4 7.08 44.82 -4.82
N PHE B 5 6.34 44.88 -5.93
CA PHE B 5 5.58 46.06 -6.33
C PHE B 5 4.29 46.18 -5.50
N ASN B 6 3.44 45.15 -5.59
CA ASN B 6 2.26 44.99 -4.76
C ASN B 6 2.42 43.69 -3.99
N PRO B 7 1.40 43.16 -3.26
CA PRO B 7 1.58 41.90 -2.53
C PRO B 7 1.20 40.68 -3.37
N LEU B 8 0.69 40.93 -4.60
CA LEU B 8 0.31 39.84 -5.49
C LEU B 8 1.54 39.23 -6.14
N VAL B 9 1.74 37.93 -5.93
CA VAL B 9 2.92 37.21 -6.50
C VAL B 9 2.44 36.30 -7.65
N TYR B 10 1.18 35.88 -7.61
CA TYR B 10 0.62 35.00 -8.63
C TYR B 10 1.34 33.64 -8.62
N THR B 11 1.22 32.91 -7.52
CA THR B 11 1.89 31.62 -7.40
C THR B 11 1.54 30.66 -8.55
N HIS B 12 0.25 30.55 -8.89
CA HIS B 12 -0.19 29.55 -9.86
C HIS B 12 0.22 29.99 -11.26
N GLY B 13 0.01 31.28 -11.58
CA GLY B 13 0.44 31.76 -12.88
C GLY B 13 1.93 31.48 -13.09
N GLY B 14 2.72 31.69 -12.02
CA GLY B 14 4.16 31.51 -12.13
C GLY B 14 4.51 30.06 -12.44
N LYS B 15 3.80 29.12 -11.77
CA LYS B 15 3.93 27.68 -12.00
C LYS B 15 3.53 27.28 -13.43
N LEU B 16 2.45 27.89 -13.97
CA LEU B 16 2.08 27.67 -15.36
C LEU B 16 3.21 28.13 -16.28
N GLU B 17 3.81 29.29 -16.00
CA GLU B 17 4.88 29.82 -16.85
C GLU B 17 6.09 28.87 -16.78
N ARG B 18 6.44 28.43 -15.57
CA ARG B 18 7.58 27.54 -15.36
C ARG B 18 7.38 26.28 -16.20
N LYS B 19 6.34 25.50 -15.84
CA LYS B 19 6.01 24.23 -16.54
C LYS B 19 6.05 24.46 -18.05
N SER B 20 5.34 25.48 -18.54
CA SER B 20 5.32 25.77 -19.96
C SER B 20 6.74 25.72 -20.56
N LYS B 21 7.68 26.42 -19.93
CA LYS B 21 9.05 26.57 -20.49
C LYS B 21 9.93 25.32 -20.30
N LYS B 22 9.74 24.60 -19.19
CA LYS B 22 10.57 23.44 -18.90
C LYS B 22 10.07 22.19 -19.62
N ASP B 23 8.78 22.16 -19.99
CA ASP B 23 8.09 20.92 -20.34
C ASP B 23 7.25 21.16 -21.59
N LYS B 24 7.84 20.80 -22.73
CA LYS B 24 7.27 21.13 -24.02
C LYS B 24 5.96 20.36 -24.26
N THR B 25 5.74 19.26 -23.54
CA THR B 25 4.49 18.55 -23.66
C THR B 25 3.39 19.28 -22.91
N ALA B 26 3.68 19.71 -21.68
CA ALA B 26 2.78 20.56 -20.92
C ALA B 26 2.46 21.81 -21.74
N SER B 27 3.51 22.42 -22.29
CA SER B 27 3.37 23.66 -23.01
C SER B 27 2.38 23.46 -24.18
N LYS B 28 2.50 22.33 -24.89
CA LYS B 28 1.63 22.00 -26.02
C LYS B 28 0.19 21.86 -25.52
N VAL B 29 0.01 21.14 -24.42
CA VAL B 29 -1.33 20.94 -23.89
C VAL B 29 -1.96 22.28 -23.47
N PHE B 30 -1.17 23.14 -22.80
CA PHE B 30 -1.69 24.42 -22.32
C PHE B 30 -2.26 25.25 -23.46
N GLU B 31 -1.54 25.35 -24.60
CA GLU B 31 -2.00 26.13 -25.75
C GLU B 31 -3.24 25.45 -26.37
N GLU B 32 -3.17 24.14 -26.61
CA GLU B 32 -4.22 23.39 -27.29
C GLU B 32 -5.54 23.46 -26.53
N PHE B 33 -5.46 23.45 -25.20
CA PHE B 33 -6.68 23.35 -24.39
C PHE B 33 -7.03 24.70 -23.73
N GLY B 34 -6.22 25.72 -24.01
CA GLY B 34 -6.44 27.06 -23.45
C GLY B 34 -6.36 27.06 -21.93
N VAL B 35 -5.15 26.86 -21.39
CA VAL B 35 -4.94 26.84 -19.91
C VAL B 35 -4.42 28.21 -19.46
N MET B 36 -3.87 28.99 -20.40
CA MET B 36 -3.33 30.34 -20.09
C MET B 36 -4.47 31.37 -20.18
N GLU B 37 -5.29 31.28 -21.24
CA GLU B 37 -6.43 32.21 -21.43
C GLU B 37 -7.44 32.05 -20.29
N ALA B 38 -7.67 30.80 -19.87
CA ALA B 38 -8.63 30.50 -18.78
C ALA B 38 -8.09 31.09 -17.47
N TYR B 39 -6.78 30.99 -17.25
CA TYR B 39 -6.13 31.52 -16.02
C TYR B 39 -6.15 33.05 -16.05
N ASN B 40 -5.74 33.62 -17.31
CA ASN B 40 -5.82 35.10 -17.45
C ASN B 40 -7.28 35.54 -17.31
N CYS B 41 -8.31 35.00 -17.57
CA CYS B 41 -9.71 35.44 -17.35
C CYS B 41 -10.04 35.37 -15.86
N TRP B 42 -9.55 34.32 -15.18
CA TRP B 42 -9.80 34.14 -13.71
C TRP B 42 -9.04 35.21 -12.92
N LYS B 43 -7.79 35.47 -13.28
CA LYS B 43 -6.95 36.48 -12.59
C LYS B 43 -7.55 37.88 -12.79
N GLU B 44 -8.05 38.25 -14.14
N GLU B 44 -8.00 38.14 -14.02
CA GLU B 44 -8.68 39.52 -14.48
CA GLU B 44 -8.61 39.45 -14.38
C GLU B 44 -9.97 39.68 -13.68
C GLU B 44 -9.91 39.64 -13.60
N ALA B 45 -10.79 38.62 -13.65
CA ALA B 45 -12.07 38.67 -12.97
C ALA B 45 -11.92 38.87 -11.45
N SER B 46 -10.90 38.23 -10.86
CA SER B 46 -10.59 38.33 -9.44
C SER B 46 -10.12 39.73 -9.09
N LEU B 47 -9.24 40.32 -9.94
CA LEU B 47 -8.63 41.63 -9.70
C LEU B 47 -9.72 42.71 -9.82
N CYS B 48 -10.80 42.38 -10.56
CA CYS B 48 -11.92 43.33 -10.78
C CYS B 48 -12.82 43.39 -9.54
N ILE B 49 -12.80 42.36 -8.70
CA ILE B 49 -13.63 42.33 -7.50
C ILE B 49 -12.86 42.95 -6.36
N GLN B 50 -13.17 44.21 -6.03
CA GLN B 50 -12.29 44.95 -5.15
C GLN B 50 -12.81 45.15 -3.73
N GLN B 51 -14.12 44.96 -3.50
N GLN B 51 -14.12 44.98 -3.50
CA GLN B 51 -14.63 45.12 -2.15
CA GLN B 51 -14.60 45.11 -2.13
C GLN B 51 -14.57 43.74 -1.48
C GLN B 51 -14.56 43.72 -1.48
N ARG B 52 -14.79 43.71 -0.16
CA ARG B 52 -14.70 42.46 0.59
C ARG B 52 -15.91 42.26 1.50
N ASP B 53 -17.08 42.76 1.08
CA ASP B 53 -18.37 42.42 1.68
C ASP B 53 -18.75 41.01 1.24
N LYS B 54 -19.84 40.46 1.78
CA LYS B 54 -20.09 39.04 1.61
C LYS B 54 -20.32 38.74 0.13
N ASP B 55 -21.11 39.60 -0.51
CA ASP B 55 -21.42 39.35 -1.92
C ASP B 55 -20.13 39.34 -2.75
N SER B 56 -19.21 40.26 -2.46
CA SER B 56 -18.00 40.31 -3.26
C SER B 56 -17.20 39.01 -3.09
N VAL B 57 -17.18 38.49 -1.85
CA VAL B 57 -16.40 37.30 -1.59
C VAL B 57 -17.05 36.11 -2.31
N LEU B 58 -18.39 36.03 -2.32
CA LEU B 58 -19.07 34.98 -3.08
C LEU B 58 -18.72 35.07 -4.57
N LYS B 59 -18.61 36.28 -5.08
CA LYS B 59 -18.21 36.45 -6.48
C LYS B 59 -16.79 35.96 -6.74
N LEU B 60 -15.83 36.28 -5.83
CA LEU B 60 -14.49 35.73 -6.03
C LEU B 60 -14.53 34.20 -6.12
N VAL B 61 -15.37 33.57 -5.28
CA VAL B 61 -15.43 32.11 -5.18
C VAL B 61 -16.09 31.56 -6.45
N ALA B 62 -17.09 32.27 -6.97
CA ALA B 62 -17.66 31.87 -8.27
C ALA B 62 -16.60 31.89 -9.38
N ALA B 63 -15.71 32.90 -9.41
CA ALA B 63 -14.65 32.90 -10.42
C ALA B 63 -13.67 31.74 -10.20
N LEU B 64 -13.36 31.40 -8.94
CA LEU B 64 -12.50 30.28 -8.62
C LEU B 64 -13.12 28.96 -9.12
N ASN B 65 -14.43 28.79 -8.89
CA ASN B 65 -15.11 27.57 -9.28
C ASN B 65 -15.04 27.39 -10.79
N THR B 66 -15.23 28.52 -11.50
CA THR B 66 -15.19 28.51 -12.95
C THR B 66 -13.81 28.11 -13.41
N TYR B 67 -12.76 28.74 -12.85
CA TYR B 67 -11.40 28.44 -13.27
C TYR B 67 -11.09 26.95 -13.05
N LYS B 68 -11.41 26.41 -11.86
CA LYS B 68 -11.13 25.00 -11.61
C LYS B 68 -11.97 24.11 -12.54
N ASP B 69 -13.25 24.47 -12.75
CA ASP B 69 -14.05 23.70 -13.70
C ASP B 69 -13.38 23.67 -15.08
N ALA B 70 -12.68 24.74 -15.44
CA ALA B 70 -12.04 24.82 -16.74
C ALA B 70 -10.79 23.94 -16.83
N VAL B 71 -9.85 24.08 -15.88
CA VAL B 71 -8.50 23.58 -16.11
C VAL B 71 -8.25 22.25 -15.36
N GLU B 72 -8.98 22.01 -14.27
CA GLU B 72 -8.71 20.78 -13.53
C GLU B 72 -8.90 19.54 -14.39
N PRO B 73 -9.98 19.44 -15.22
CA PRO B 73 -10.15 18.29 -16.12
C PRO B 73 -9.00 18.14 -17.10
N ILE B 74 -8.39 19.26 -17.49
CA ILE B 74 -7.25 19.17 -18.38
C ILE B 74 -6.05 18.64 -17.60
N PHE B 75 -5.80 19.20 -16.41
CA PHE B 75 -4.67 18.72 -15.64
C PHE B 75 -4.83 17.21 -15.36
N ASP B 76 -6.05 16.77 -14.96
CA ASP B 76 -6.31 15.40 -14.54
C ASP B 76 -6.21 14.44 -15.71
N SER B 77 -6.64 14.86 -16.90
CA SER B 77 -6.72 13.84 -17.93
C SER B 77 -5.61 13.94 -18.98
N ARG B 78 -4.79 15.01 -18.98
CA ARG B 78 -3.90 15.19 -20.11
C ARG B 78 -2.48 15.53 -19.67
N LEU B 79 -2.29 15.73 -18.39
CA LEU B 79 -0.97 15.99 -17.82
C LEU B 79 -0.97 15.15 -16.55
N ASN B 80 -1.38 13.89 -16.66
CA ASN B 80 -1.46 12.97 -15.50
C ASN B 80 -0.26 13.24 -14.60
N SER B 81 0.92 13.34 -15.22
CA SER B 81 2.19 13.66 -14.53
C SER B 81 2.06 14.91 -13.65
N ALA B 82 2.09 16.11 -14.24
CA ALA B 82 2.03 17.34 -13.42
C ALA B 82 0.66 17.49 -12.73
N GLN B 83 0.43 16.76 -11.64
CA GLN B 83 -0.86 16.85 -10.91
C GLN B 83 -0.67 17.78 -9.70
N GLU B 84 0.22 17.38 -8.79
CA GLU B 84 0.58 18.14 -7.55
C GLU B 84 1.72 19.13 -7.85
N VAL B 85 1.93 19.43 -9.14
CA VAL B 85 2.88 20.42 -9.70
C VAL B 85 2.11 21.69 -10.06
N LEU B 86 0.83 21.58 -10.48
CA LEU B 86 0.06 22.77 -10.91
C LEU B 86 -1.26 22.92 -10.14
N GLN B 87 -1.92 21.81 -9.82
CA GLN B 87 -3.26 21.86 -9.17
C GLN B 87 -3.23 22.58 -7.81
N PRO B 88 -2.34 22.21 -6.87
CA PRO B 88 -2.35 22.77 -5.52
C PRO B 88 -2.14 24.29 -5.49
N SER B 89 -1.44 24.84 -6.49
CA SER B 89 -1.16 26.27 -6.46
C SER B 89 -2.40 27.12 -6.75
N ILE B 90 -3.52 26.51 -7.20
CA ILE B 90 -4.73 27.27 -7.53
C ILE B 90 -5.33 27.90 -6.28
N LEU B 91 -5.56 27.11 -5.23
CA LEU B 91 -6.05 27.67 -3.97
C LEU B 91 -5.04 28.65 -3.37
N GLU B 92 -3.75 28.42 -3.56
CA GLU B 92 -2.77 29.34 -3.01
C GLU B 92 -2.94 30.72 -3.64
N GLU B 93 -3.04 30.76 -4.97
CA GLU B 93 -3.26 32.02 -5.69
C GLU B 93 -4.63 32.60 -5.33
N PHE B 94 -5.61 31.72 -5.11
CA PHE B 94 -6.90 32.25 -4.69
C PHE B 94 -6.75 33.06 -3.39
N PHE B 95 -6.05 32.48 -2.39
CA PHE B 95 -5.90 33.22 -1.16
C PHE B 95 -5.05 34.51 -1.37
N GLU B 96 -4.18 34.55 -2.35
CA GLU B 96 -3.49 35.79 -2.69
C GLU B 96 -4.46 36.89 -3.12
N TYR B 97 -5.44 36.55 -3.98
CA TYR B 97 -6.50 37.49 -4.35
C TYR B 97 -7.33 37.88 -3.13
N LEU B 98 -7.78 36.89 -2.33
CA LEU B 98 -8.75 37.19 -1.29
C LEU B 98 -8.14 38.20 -0.33
N PHE B 99 -6.82 38.03 -0.05
CA PHE B 99 -6.18 38.86 0.96
C PHE B 99 -5.36 40.01 0.37
N SER B 100 -5.57 40.31 -0.93
CA SER B 100 -4.72 41.33 -1.54
C SER B 100 -5.07 42.76 -1.10
N ARG B 101 -6.24 42.91 -0.47
CA ARG B 101 -6.71 44.26 -0.08
C ARG B 101 -6.83 44.37 1.45
N ILE B 102 -5.90 43.76 2.19
CA ILE B 102 -5.98 43.89 3.63
C ILE B 102 -5.27 45.17 4.12
N ASP B 103 -4.38 45.73 3.28
CA ASP B 103 -3.43 46.72 3.78
C ASP B 103 -4.16 47.91 4.43
N SER B 104 -5.13 48.51 3.74
CA SER B 104 -5.82 49.65 4.32
C SER B 104 -6.65 49.27 5.54
N ILE B 105 -7.31 48.09 5.53
CA ILE B 105 -8.09 47.68 6.70
C ILE B 105 -7.19 47.56 7.93
N VAL B 106 -6.10 46.81 7.82
CA VAL B 106 -5.24 46.49 8.95
C VAL B 106 -4.30 47.66 9.28
N GLY B 107 -4.14 48.61 8.34
CA GLY B 107 -3.40 49.84 8.57
C GLY B 107 -1.88 49.64 8.56
N VAL B 108 -1.41 48.60 7.85
CA VAL B 108 0.02 48.38 7.71
C VAL B 108 0.28 47.55 6.44
N ASN B 109 1.47 47.70 5.88
CA ASN B 109 1.83 46.97 4.66
C ASN B 109 2.36 45.60 5.01
N ILE B 110 1.56 44.56 4.75
CA ILE B 110 1.98 43.24 5.16
C ILE B 110 2.89 42.70 4.06
N PRO B 111 4.16 42.37 4.31
CA PRO B 111 5.04 41.93 3.22
C PRO B 111 4.78 40.51 2.72
N ILE B 112 4.26 39.62 3.57
CA ILE B 112 4.16 38.22 3.16
C ILE B 112 2.67 37.85 3.04
N ARG B 113 2.25 37.49 1.83
CA ARG B 113 0.88 37.02 1.49
C ARG B 113 1.13 36.06 0.33
N HIS B 114 1.62 34.86 0.68
N HIS B 114 1.61 34.85 0.68
CA HIS B 114 1.96 33.88 -0.34
CA HIS B 114 1.96 33.88 -0.34
C HIS B 114 2.58 32.68 0.37
C HIS B 114 2.58 32.67 0.38
N PRO B 115 2.76 31.51 -0.30
CA PRO B 115 3.44 30.38 0.31
C PRO B 115 4.82 30.83 0.76
N ALA B 116 5.29 30.30 1.90
CA ALA B 116 6.60 30.69 2.39
C ALA B 116 6.99 29.69 3.49
N LYS B 117 8.26 29.78 3.94
CA LYS B 117 8.73 28.94 5.05
C LYS B 117 8.57 29.67 6.37
N GLY B 118 7.64 29.21 7.22
CA GLY B 118 7.39 29.87 8.49
C GLY B 118 8.37 29.38 9.55
N TYR B 119 9.02 30.34 10.24
CA TYR B 119 10.02 30.07 11.27
C TYR B 119 9.51 29.03 12.29
N LEU B 120 10.33 28.03 12.63
CA LEU B 120 9.94 27.07 13.68
C LEU B 120 10.92 27.10 14.87
N SER B 121 12.24 27.13 14.60
CA SER B 121 13.21 27.06 15.69
C SER B 121 14.61 27.46 15.25
N LEU B 122 15.45 27.77 16.25
CA LEU B 122 16.85 28.12 16.14
C LEU B 122 17.62 27.15 17.05
N SER B 123 18.59 26.45 16.47
CA SER B 123 19.48 25.68 17.31
C SER B 123 20.93 25.88 16.89
N PHE B 124 21.84 25.54 17.81
CA PHE B 124 23.26 25.76 17.62
C PHE B 124 23.93 24.42 17.39
N ASN B 125 24.74 24.35 16.33
CA ASN B 125 25.51 23.13 15.97
C ASN B 125 26.92 23.61 15.63
N PRO B 126 27.69 24.12 16.61
CA PRO B 126 29.01 24.68 16.32
C PRO B 126 29.95 23.58 15.85
N HIS B 127 30.93 23.99 15.05
CA HIS B 127 31.84 23.08 14.42
C HIS B 127 32.81 22.53 15.46
N ASN B 128 33.35 23.41 16.31
CA ASN B 128 34.27 23.01 17.35
C ASN B 128 34.19 24.03 18.47
N ILE B 129 35.04 23.89 19.47
CA ILE B 129 34.97 24.75 20.63
C ILE B 129 35.38 26.16 20.24
N GLU B 130 36.35 26.28 19.34
CA GLU B 130 36.84 27.58 18.91
C GLU B 130 35.74 28.34 18.15
N THR B 131 35.03 27.69 17.23
CA THR B 131 33.91 28.35 16.58
C THR B 131 32.74 28.63 17.54
N LEU B 132 32.55 27.76 18.55
CA LEU B 132 31.47 27.97 19.52
C LEU B 132 31.66 29.33 20.18
N ILE B 133 32.88 29.61 20.62
CA ILE B 133 33.20 30.89 21.26
C ILE B 133 33.13 32.04 20.24
N GLN B 134 33.82 31.92 19.11
CA GLN B 134 33.97 33.07 18.17
C GLN B 134 32.72 33.39 17.35
N SER B 135 32.13 32.37 16.71
CA SER B 135 31.02 32.55 15.78
C SER B 135 30.24 31.25 15.64
N PRO B 136 29.36 30.94 16.60
CA PRO B 136 28.68 29.63 16.64
C PRO B 136 27.75 29.40 15.44
N GLU B 137 28.04 28.32 14.71
CA GLU B 137 27.18 27.91 13.62
C GLU B 137 25.80 27.56 14.18
N TYR B 138 24.76 27.83 13.37
CA TYR B 138 23.41 27.60 13.86
C TYR B 138 22.53 27.17 12.71
N THR B 139 21.35 26.66 13.03
CA THR B 139 20.41 26.27 12.01
C THR B 139 19.07 26.87 12.42
N VAL B 140 18.41 27.48 11.44
CA VAL B 140 17.04 27.89 11.62
C VAL B 140 16.18 26.90 10.87
N ARG B 141 15.24 26.29 11.59
CA ARG B 141 14.25 25.32 11.03
C ARG B 141 12.98 26.12 10.66
N ALA B 142 12.39 25.81 9.51
CA ALA B 142 11.20 26.50 9.02
C ALA B 142 10.34 25.48 8.26
N LYS B 143 9.02 25.64 8.26
CA LYS B 143 8.19 24.72 7.51
C LYS B 143 7.48 25.48 6.39
N ASP B 144 7.61 24.95 5.16
CA ASP B 144 6.80 25.37 4.00
C ASP B 144 5.32 25.34 4.33
N HIS B 145 4.63 26.47 4.16
CA HIS B 145 3.19 26.42 4.23
C HIS B 145 2.69 26.89 2.87
N ASP B 146 1.46 26.46 2.54
CA ASP B 146 0.83 26.74 1.26
C ASP B 146 0.43 28.21 1.20
N PHE B 147 0.19 28.85 2.36
CA PHE B 147 -0.16 30.28 2.36
C PHE B 147 0.13 30.91 3.72
N ILE B 148 0.92 31.99 3.74
CA ILE B 148 1.23 32.73 4.98
C ILE B 148 0.84 34.20 4.86
N ILE B 149 0.15 34.72 5.87
CA ILE B 149 0.14 36.17 6.03
C ILE B 149 1.05 36.49 7.21
N GLY B 150 2.07 37.34 6.99
CA GLY B 150 3.02 37.51 8.08
C GLY B 150 4.11 38.56 7.77
N GLY B 151 5.06 38.70 8.71
CA GLY B 151 6.14 39.66 8.62
C GLY B 151 7.44 38.96 8.22
N SER B 152 8.40 39.78 7.80
N SER B 152 8.40 39.77 7.79
CA SER B 152 9.72 39.23 7.57
CA SER B 152 9.73 39.23 7.57
C SER B 152 10.70 39.90 8.52
C SER B 152 10.70 39.90 8.52
N ALA B 153 11.67 39.13 8.98
CA ALA B 153 12.60 39.58 10.00
C ALA B 153 13.99 39.08 9.66
N LYS B 154 14.98 39.77 10.22
CA LYS B 154 16.36 39.35 10.07
C LYS B 154 16.77 38.88 11.47
N LEU B 155 17.35 37.70 11.52
CA LEU B 155 17.89 37.15 12.73
C LEU B 155 19.43 37.15 12.61
N THR B 156 20.10 37.71 13.62
CA THR B 156 21.56 37.78 13.61
C THR B 156 22.13 37.11 14.84
N ILE B 157 23.18 36.32 14.62
CA ILE B 157 23.92 35.73 15.74
C ILE B 157 25.36 36.21 15.66
N GLN B 158 25.91 36.65 16.80
CA GLN B 158 27.31 37.04 16.89
C GLN B 158 27.95 36.42 18.11
N GLY B 159 29.14 35.81 17.95
CA GLY B 159 29.94 35.35 19.07
C GLY B 159 31.03 36.35 19.43
N HIS B 160 32.15 35.85 19.99
CA HIS B 160 33.24 36.71 20.44
C HIS B 160 33.95 37.43 19.28
N GLY B 161 34.01 36.80 18.11
CA GLY B 161 34.59 37.38 16.91
C GLY B 161 33.92 38.69 16.47
N GLY B 162 32.63 38.86 16.76
CA GLY B 162 31.95 40.13 16.54
C GLY B 162 31.28 40.23 15.16
N GLU B 163 31.74 39.43 14.20
CA GLU B 163 31.19 39.43 12.85
C GLU B 163 29.90 38.60 12.85
N GLY B 164 28.77 39.20 12.46
CA GLY B 164 27.51 38.50 12.55
C GLY B 164 27.25 37.58 11.37
N GLU B 165 26.37 36.60 11.59
CA GLU B 165 25.73 35.89 10.51
C GLU B 165 24.25 36.16 10.63
N THR B 166 23.62 36.50 9.51
CA THR B 166 22.23 36.85 9.48
C THR B 166 21.47 35.79 8.70
N THR B 167 20.22 35.53 9.11
CA THR B 167 19.28 34.72 8.35
C THR B 167 17.98 35.50 8.24
N ASN B 168 17.34 35.47 7.06
CA ASN B 168 16.04 36.09 6.88
C ASN B 168 14.97 35.07 7.27
N ILE B 169 13.94 35.49 7.99
CA ILE B 169 12.94 34.50 8.38
C ILE B 169 11.58 35.13 8.11
N VAL B 170 10.57 34.27 8.19
CA VAL B 170 9.20 34.67 8.06
C VAL B 170 8.48 34.34 9.35
N VAL B 171 7.75 35.33 9.89
CA VAL B 171 7.06 35.16 11.16
C VAL B 171 5.57 35.24 10.85
N PRO B 172 4.85 34.11 10.75
CA PRO B 172 3.47 34.17 10.26
C PRO B 172 2.51 34.65 11.34
N ALA B 173 1.46 35.38 10.94
CA ALA B 173 0.29 35.71 11.75
C ALA B 173 -0.87 34.78 11.39
N VAL B 174 -0.92 34.29 10.13
CA VAL B 174 -1.86 33.27 9.68
C VAL B 174 -1.12 32.29 8.77
N ALA B 175 -1.36 30.99 8.93
CA ALA B 175 -0.82 29.98 8.03
C ALA B 175 -1.96 29.09 7.52
N ILE B 176 -1.97 28.82 6.21
CA ILE B 176 -3.03 28.00 5.64
C ILE B 176 -2.40 26.87 4.83
N GLU B 177 -2.76 25.62 5.13
CA GLU B 177 -2.44 24.55 4.20
C GLU B 177 -3.64 24.29 3.26
N CYS B 178 -3.35 24.09 1.96
CA CYS B 178 -4.35 23.87 0.91
C CYS B 178 -4.15 22.49 0.27
N LYS B 179 -5.15 21.60 0.41
CA LYS B 179 -5.04 20.25 -0.09
C LYS B 179 -6.27 19.94 -0.93
N ARG B 180 -6.11 19.10 -1.96
CA ARG B 180 -7.27 18.71 -2.74
C ARG B 180 -8.13 17.74 -1.91
N TYR B 181 -7.51 16.75 -1.28
CA TYR B 181 -8.26 16.00 -0.28
C TYR B 181 -7.43 15.81 0.98
N LEU B 182 -8.14 15.64 2.10
CA LEU B 182 -7.52 15.43 3.39
C LEU B 182 -7.58 13.96 3.76
N GLU B 183 -6.41 13.31 3.84
CA GLU B 183 -6.34 11.88 4.25
C GLU B 183 -5.97 11.85 5.74
N ARG B 184 -5.41 10.73 6.20
CA ARG B 184 -5.01 10.57 7.63
C ARG B 184 -3.49 10.79 7.76
N ASN B 185 -2.74 10.41 6.72
CA ASN B 185 -1.25 10.57 6.74
C ASN B 185 -0.89 12.05 6.61
N MET B 186 -1.74 12.82 5.93
CA MET B 186 -1.50 14.28 5.74
C MET B 186 -1.93 15.04 7.00
N LEU B 187 -3.05 14.63 7.60
CA LEU B 187 -3.57 15.28 8.83
C LEU B 187 -2.54 15.13 9.97
N ASP B 188 -1.95 13.95 10.08
CA ASP B 188 -0.93 13.68 11.14
C ASP B 188 0.24 14.65 10.99
N GLU B 189 0.72 14.83 9.75
CA GLU B 189 1.86 15.74 9.46
C GLU B 189 1.47 17.16 9.89
N CYS B 190 0.25 17.59 9.55
CA CYS B 190 -0.25 18.95 9.90
C CYS B 190 -0.41 19.05 11.43
N ALA B 191 -0.85 17.96 12.06
CA ALA B 191 -1.04 17.94 13.53
C ALA B 191 0.30 18.19 14.22
N GLY B 192 1.36 17.51 13.77
CA GLY B 192 2.71 17.68 14.35
C GLY B 192 3.31 19.03 14.01
N THR B 193 2.95 19.56 12.83
CA THR B 193 3.47 20.88 12.39
C THR B 193 2.79 22.00 13.18
N ALA B 194 1.51 21.80 13.54
CA ALA B 194 0.75 22.79 14.32
C ALA B 194 1.36 22.95 15.72
N GLU B 195 1.82 21.84 16.30
CA GLU B 195 2.44 21.86 17.66
C GLU B 195 3.74 22.69 17.61
N ARG B 196 4.58 22.44 16.60
CA ARG B 196 5.83 23.16 16.45
C ARG B 196 5.54 24.65 16.20
N LEU B 197 4.50 24.94 15.42
CA LEU B 197 4.19 26.29 14.97
C LEU B 197 3.67 27.12 16.15
N LYS B 198 2.83 26.50 16.98
CA LYS B 198 2.27 27.21 18.13
C LYS B 198 3.33 27.44 19.20
N ARG B 199 4.37 26.60 19.24
CA ARG B 199 5.52 26.86 20.11
C ARG B 199 6.35 28.04 19.54
N ALA B 200 6.58 28.08 18.23
CA ALA B 200 7.41 29.11 17.60
C ALA B 200 6.70 30.45 17.59
N THR B 201 5.39 30.40 17.35
CA THR B 201 4.58 31.59 17.07
C THR B 201 3.20 31.38 17.68
N PRO B 202 3.01 31.54 19.01
CA PRO B 202 1.73 31.19 19.64
C PRO B 202 0.54 32.02 19.16
N TYR B 203 0.76 33.11 18.43
CA TYR B 203 -0.39 33.91 18.03
C TYR B 203 -0.69 33.73 16.55
N CYS B 204 -0.08 32.72 15.91
CA CYS B 204 -0.36 32.43 14.51
C CYS B 204 -1.62 31.55 14.46
N LEU B 205 -2.62 31.93 13.66
CA LEU B 205 -3.80 31.14 13.37
C LEU B 205 -3.41 30.10 12.30
N TYR B 206 -3.76 28.82 12.52
CA TYR B 206 -3.38 27.75 11.61
C TYR B 206 -4.63 27.04 11.07
N PHE B 207 -4.86 27.10 9.75
CA PHE B 207 -6.01 26.47 9.11
C PHE B 207 -5.57 25.39 8.15
N VAL B 208 -6.43 24.33 8.04
CA VAL B 208 -6.27 23.35 6.98
C VAL B 208 -7.50 23.47 6.09
N VAL B 209 -7.26 23.70 4.79
CA VAL B 209 -8.34 23.83 3.82
C VAL B 209 -8.23 22.70 2.80
N ALA B 210 -9.30 21.91 2.69
CA ALA B 210 -9.33 20.85 1.70
C ALA B 210 -10.62 20.96 0.89
N GLU B 211 -10.67 20.31 -0.28
CA GLU B 211 -11.93 20.27 -1.02
C GLU B 211 -12.76 19.06 -0.63
N TYR B 212 -12.10 17.91 -0.50
CA TYR B 212 -12.77 16.65 -0.21
C TYR B 212 -12.14 16.01 1.01
N LEU B 213 -12.92 15.20 1.73
CA LEU B 213 -12.45 14.51 2.92
C LEU B 213 -12.28 13.03 2.57
N LYS B 214 -11.05 12.53 2.77
CA LYS B 214 -10.72 11.12 2.58
C LYS B 214 -10.32 10.49 3.92
N LEU B 215 -11.27 10.31 4.85
CA LEU B 215 -10.87 9.73 6.13
C LEU B 215 -11.73 8.51 6.46
N ASP B 216 -11.08 7.51 7.08
CA ASP B 216 -11.65 6.17 7.18
C ASP B 216 -12.38 6.00 8.51
N ASP B 217 -12.65 7.11 9.19
CA ASP B 217 -13.40 7.13 10.43
C ASP B 217 -12.52 6.72 11.62
N GLY B 218 -11.30 6.22 11.38
CA GLY B 218 -10.24 6.29 12.39
C GLY B 218 -10.18 7.71 12.95
N ALA B 219 -9.94 7.83 14.26
CA ALA B 219 -10.18 9.08 14.97
C ALA B 219 -9.00 10.01 14.82
N PRO B 220 -9.14 11.20 14.20
CA PRO B 220 -8.02 12.10 13.98
C PRO B 220 -7.74 12.95 15.23
N GLU B 221 -6.50 13.38 15.40
CA GLU B 221 -6.27 14.41 16.40
C GLU B 221 -6.15 15.76 15.67
N LEU B 222 -6.75 16.76 16.33
CA LEU B 222 -7.06 18.04 15.74
C LEU B 222 -6.26 19.09 16.50
N THR B 223 -5.46 18.59 17.42
N THR B 223 -5.47 18.59 17.43
CA THR B 223 -4.79 19.40 18.42
CA THR B 223 -4.65 19.35 18.37
C THR B 223 -4.08 20.61 17.78
C THR B 223 -4.07 20.61 17.74
N GLU B 224 -4.50 21.80 18.20
CA GLU B 224 -3.80 23.05 17.89
C GLU B 224 -4.06 23.49 16.45
N ILE B 225 -4.76 22.67 15.67
CA ILE B 225 -5.27 23.17 14.40
C ILE B 225 -6.48 24.02 14.74
N ASP B 226 -6.48 25.27 14.27
CA ASP B 226 -7.56 26.19 14.57
C ASP B 226 -8.82 25.78 13.82
N GLU B 227 -8.71 25.47 12.54
CA GLU B 227 -9.91 25.00 11.85
C GLU B 227 -9.52 24.20 10.62
N ILE B 228 -10.36 23.20 10.30
CA ILE B 228 -10.22 22.43 9.07
C ILE B 228 -11.50 22.59 8.23
N TYR B 229 -11.36 22.97 6.97
CA TYR B 229 -12.50 23.17 6.08
C TYR B 229 -12.55 22.09 5.00
N ILE B 230 -13.78 21.63 4.65
CA ILE B 230 -13.98 20.72 3.54
C ILE B 230 -14.88 21.48 2.56
N LEU B 231 -14.25 22.11 1.57
CA LEU B 231 -14.94 23.13 0.79
C LEU B 231 -16.09 22.57 -0.05
N ARG B 232 -16.07 21.28 -0.41
CA ARG B 232 -17.09 20.77 -1.30
C ARG B 232 -18.09 19.88 -0.55
N HIS B 233 -17.93 19.80 0.78
CA HIS B 233 -18.83 18.98 1.63
C HIS B 233 -18.94 17.56 1.06
N GLN B 234 -17.89 17.03 0.44
CA GLN B 234 -18.01 15.70 -0.17
C GLN B 234 -16.85 14.78 0.21
N ARG B 235 -17.09 13.47 0.16
CA ARG B 235 -16.04 12.49 0.45
C ARG B 235 -15.25 12.26 -0.83
N ASN B 236 -13.96 12.00 -0.70
CA ASN B 236 -13.06 11.76 -1.86
C ASN B 236 -13.47 10.52 -2.67
N SER B 237 -14.02 9.51 -2.01
CA SER B 237 -14.47 8.24 -2.65
C SER B 237 -15.57 8.49 -3.69
N GLU B 238 -16.41 9.48 -3.49
CA GLU B 238 -17.46 9.80 -4.48
C GLU B 238 -16.89 10.17 -5.83
N ARG B 239 -15.62 10.57 -5.89
CA ARG B 239 -15.12 11.21 -7.11
C ARG B 239 -15.00 10.21 -8.24
N ASN B 240 -14.80 8.92 -7.95
CA ASN B 240 -14.58 7.96 -9.01
C ASN B 240 -15.86 7.20 -9.36
N LYS B 241 -17.01 7.65 -8.87
CA LYS B 241 -18.24 6.90 -9.12
C LYS B 241 -18.90 7.41 -10.40
N PRO B 242 -19.56 6.51 -11.15
CA PRO B 242 -20.30 6.91 -12.35
C PRO B 242 -21.30 8.01 -11.97
N GLY B 243 -21.40 9.05 -12.80
CA GLY B 243 -22.36 10.10 -12.49
C GLY B 243 -21.92 11.10 -11.40
N PHE B 244 -20.75 10.90 -10.78
CA PHE B 244 -20.27 11.85 -9.78
C PHE B 244 -20.34 13.25 -10.36
N LYS B 245 -20.78 14.20 -9.53
CA LYS B 245 -20.84 15.64 -9.92
C LYS B 245 -20.22 16.43 -8.77
N PRO B 246 -19.04 17.06 -8.91
CA PRO B 246 -18.43 17.76 -7.77
C PRO B 246 -19.38 18.87 -7.31
N ASN B 247 -19.68 18.93 -6.02
CA ASN B 247 -20.25 20.15 -5.47
C ASN B 247 -19.27 21.30 -5.71
N PRO B 248 -19.75 22.54 -5.93
CA PRO B 248 -18.82 23.67 -6.06
C PRO B 248 -18.14 23.94 -4.73
N ILE B 249 -16.94 24.56 -4.77
CA ILE B 249 -16.40 25.11 -3.53
C ILE B 249 -17.44 26.06 -2.92
N ASP B 250 -17.74 25.85 -1.62
CA ASP B 250 -18.78 26.57 -0.90
C ASP B 250 -18.29 27.96 -0.48
N GLY B 251 -18.87 29.01 -1.07
CA GLY B 251 -18.50 30.40 -0.82
C GLY B 251 -18.80 30.82 0.61
N GLU B 252 -19.78 30.17 1.26
CA GLU B 252 -20.13 30.48 2.63
C GLU B 252 -18.94 30.14 3.53
N LEU B 253 -18.27 29.01 3.24
CA LEU B 253 -17.11 28.64 4.05
C LEU B 253 -15.94 29.63 3.83
N ILE B 254 -15.73 30.05 2.58
CA ILE B 254 -14.67 31.04 2.32
C ILE B 254 -14.93 32.36 3.05
N TRP B 255 -16.21 32.76 3.09
CA TRP B 255 -16.64 33.95 3.81
C TRP B 255 -16.29 33.83 5.30
N ASP B 256 -16.60 32.66 5.88
N ASP B 256 -16.60 32.66 5.88
CA ASP B 256 -16.29 32.36 7.26
CA ASP B 256 -16.30 32.35 7.26
C ASP B 256 -14.79 32.51 7.51
C ASP B 256 -14.79 32.51 7.51
N LEU B 257 -13.98 31.88 6.65
CA LEU B 257 -12.53 31.91 6.77
C LEU B 257 -12.01 33.36 6.68
N TYR B 258 -12.55 34.15 5.72
CA TYR B 258 -12.10 35.51 5.49
C TYR B 258 -12.39 36.33 6.76
N GLN B 259 -13.57 36.08 7.35
CA GLN B 259 -13.99 36.87 8.51
C GLN B 259 -13.11 36.54 9.71
N GLU B 260 -12.77 35.26 9.85
CA GLU B 260 -11.93 34.77 10.99
C GLU B 260 -10.52 35.36 10.87
N VAL B 261 -9.97 35.39 9.64
CA VAL B 261 -8.63 35.91 9.42
C VAL B 261 -8.59 37.39 9.78
N MET B 262 -9.54 38.16 9.23
N MET B 262 -9.53 38.17 9.23
CA MET B 262 -9.55 39.61 9.45
CA MET B 262 -9.54 39.62 9.45
C MET B 262 -9.70 39.92 10.94
C MET B 262 -9.69 39.93 10.94
N ASN B 263 -10.60 39.21 11.61
N ASN B 263 -10.61 39.22 11.61
CA ASN B 263 -10.80 39.42 13.04
CA ASN B 263 -10.80 39.45 13.04
C ASN B 263 -9.48 39.22 13.77
C ASN B 263 -9.48 39.22 13.77
N HIS B 264 -8.75 38.17 13.40
CA HIS B 264 -7.47 37.85 14.03
C HIS B 264 -6.44 38.96 13.77
N LEU B 265 -6.38 39.47 12.53
CA LEU B 265 -5.38 40.45 12.15
C LEU B 265 -5.63 41.76 12.85
N GLY B 266 -6.89 42.04 13.21
CA GLY B 266 -7.23 43.32 13.80
C GLY B 266 -7.04 43.36 15.31
N LYS B 267 -6.62 42.27 15.94
CA LYS B 267 -6.69 42.17 17.38
C LYS B 267 -5.30 42.38 17.99
N ILE B 268 -5.27 42.78 19.28
CA ILE B 268 -4.07 42.69 20.10
C ILE B 268 -4.08 41.29 20.72
N TRP B 269 -3.07 40.47 20.44
CA TRP B 269 -3.20 39.04 20.71
C TRP B 269 -3.07 38.68 22.20
N TRP B 270 -2.16 39.34 22.90
CA TRP B 270 -2.18 39.24 24.36
C TRP B 270 -2.35 40.64 24.95
N ASP B 271 -3.50 40.85 25.59
CA ASP B 271 -3.92 42.15 26.08
C ASP B 271 -4.33 41.97 27.53
N PRO B 272 -3.38 42.11 28.49
CA PRO B 272 -3.66 41.84 29.90
C PRO B 272 -4.84 42.59 30.49
N ASN B 273 -4.97 43.90 30.19
CA ASN B 273 -6.03 44.67 30.84
C ASN B 273 -7.38 44.23 30.29
N SER B 274 -7.38 43.80 29.04
CA SER B 274 -8.58 43.31 28.42
C SER B 274 -9.01 41.95 29.02
N ALA B 275 -8.02 41.08 29.26
CA ALA B 275 -8.20 39.83 29.98
C ALA B 275 -8.86 40.05 31.34
N LEU B 276 -8.27 40.94 32.15
CA LEU B 276 -8.77 41.31 33.46
C LEU B 276 -10.19 41.85 33.40
N GLN B 277 -10.47 42.69 32.43
CA GLN B 277 -11.83 43.26 32.35
C GLN B 277 -12.83 42.19 31.90
N ARG B 278 -12.44 41.35 30.96
CA ARG B 278 -13.35 40.33 30.41
C ARG B 278 -13.56 39.22 31.45
N GLY B 279 -12.50 38.85 32.15
CA GLY B 279 -12.56 37.74 33.10
C GLY B 279 -12.05 36.46 32.46
N LYS B 280 -11.84 36.51 31.14
CA LYS B 280 -11.31 35.35 30.38
C LYS B 280 -10.31 35.86 29.35
N VAL B 281 -9.17 35.18 29.31
CA VAL B 281 -8.06 35.45 28.43
C VAL B 281 -8.43 35.30 26.94
N PHE B 282 -9.35 34.40 26.57
CA PHE B 282 -9.77 34.23 25.18
C PHE B 282 -11.27 34.57 25.07
N ASN B 283 -11.62 35.38 24.08
CA ASN B 283 -13.04 35.82 23.95
C ASN B 283 -13.62 35.59 22.54
N ARG B 284 -14.47 34.56 22.41
CA ARG B 284 -15.21 34.19 21.16
C ARG B 284 -14.55 34.71 19.87
N ASN C 3 16.10 -26.01 22.32
CA ASN C 3 15.49 -25.62 21.03
C ASN C 3 16.55 -24.89 20.19
N GLN C 4 16.44 -24.93 18.86
CA GLN C 4 17.42 -24.20 18.00
C GLN C 4 16.74 -22.97 17.41
N PHE C 5 17.39 -22.33 16.42
CA PHE C 5 16.85 -21.12 15.74
C PHE C 5 15.54 -21.48 15.04
N ASN C 6 14.55 -20.59 15.03
CA ASN C 6 13.27 -20.94 14.34
C ASN C 6 12.45 -19.69 14.00
N PRO C 7 12.96 -18.48 14.27
CA PRO C 7 12.26 -17.20 14.07
C PRO C 7 12.54 -16.59 12.69
N LEU C 8 12.93 -17.41 11.71
CA LEU C 8 13.23 -16.94 10.34
C LEU C 8 11.91 -16.60 9.62
N VAL C 9 11.85 -15.42 9.00
CA VAL C 9 10.67 -14.98 8.28
C VAL C 9 10.99 -14.78 6.78
N TYR C 10 12.26 -14.55 6.47
CA TYR C 10 12.74 -14.35 5.10
C TYR C 10 11.98 -13.19 4.45
N THR C 11 12.16 -11.99 4.98
CA THR C 11 11.47 -10.83 4.43
C THR C 11 11.72 -10.63 2.93
N HIS C 12 12.98 -10.75 2.49
CA HIS C 12 13.33 -10.44 1.11
C HIS C 12 12.84 -11.55 0.19
N GLY C 13 13.06 -12.81 0.60
CA GLY C 13 12.54 -13.90 -0.19
C GLY C 13 11.03 -13.74 -0.42
N GLY C 14 10.33 -13.33 0.64
CA GLY C 14 8.87 -13.17 0.57
C GLY C 14 8.48 -12.12 -0.46
N LYS C 15 9.21 -10.99 -0.45
CA LYS C 15 9.05 -9.90 -1.40
C LYS C 15 9.34 -10.32 -2.84
N LEU C 16 10.38 -11.13 -3.05
CA LEU C 16 10.65 -11.70 -4.38
C LEU C 16 9.46 -12.54 -4.83
N GLU C 17 8.90 -13.32 -3.91
CA GLU C 17 7.74 -14.21 -4.20
C GLU C 17 6.50 -13.34 -4.50
N ARG C 18 6.25 -12.35 -3.66
CA ARG C 18 5.07 -11.44 -3.83
C ARG C 18 5.22 -10.65 -5.14
N LYS C 19 6.44 -10.17 -5.43
CA LYS C 19 6.71 -9.39 -6.66
C LYS C 19 7.00 -10.36 -7.82
N SER C 20 7.22 -11.63 -7.51
CA SER C 20 7.52 -12.66 -8.54
C SER C 20 6.20 -13.24 -9.08
N LYS C 21 5.08 -12.91 -8.44
CA LYS C 21 3.75 -13.42 -8.87
C LYS C 21 2.88 -12.24 -9.32
N LYS C 22 2.97 -11.10 -8.60
CA LYS C 22 2.17 -9.89 -8.94
C LYS C 22 2.63 -9.34 -10.30
N ASP C 23 3.83 -8.73 -10.32
CA ASP C 23 4.38 -8.15 -11.57
C ASP C 23 4.94 -9.28 -12.45
N LYS C 24 4.32 -9.52 -13.61
CA LYS C 24 4.77 -10.58 -14.54
C LYS C 24 6.11 -10.18 -15.16
N THR C 25 6.27 -8.89 -15.49
CA THR C 25 7.50 -8.37 -16.07
C THR C 25 8.65 -8.62 -15.11
N ALA C 26 8.46 -8.33 -13.82
CA ALA C 26 9.43 -8.66 -12.80
C ALA C 26 9.71 -10.15 -12.84
N SER C 27 8.63 -10.93 -12.90
CA SER C 27 8.74 -12.37 -12.86
C SER C 27 9.64 -12.85 -14.01
N LYS C 28 9.45 -12.27 -15.21
CA LYS C 28 10.24 -12.60 -16.39
C LYS C 28 11.71 -12.25 -16.15
N VAL C 29 11.94 -11.07 -15.61
CA VAL C 29 13.32 -10.64 -15.38
C VAL C 29 14.01 -11.55 -14.36
N PHE C 30 13.29 -11.92 -13.29
CA PHE C 30 13.86 -12.75 -12.22
C PHE C 30 14.37 -14.08 -12.79
N GLU C 31 13.57 -14.76 -13.64
CA GLU C 31 13.97 -16.03 -14.25
C GLU C 31 15.14 -15.81 -15.22
N GLU C 32 15.03 -14.82 -16.10
CA GLU C 32 16.01 -14.57 -17.16
C GLU C 32 17.38 -14.24 -16.57
N PHE C 33 17.41 -13.53 -15.44
CA PHE C 33 18.68 -13.04 -14.91
C PHE C 33 19.09 -13.82 -13.66
N GLY C 34 18.35 -14.90 -13.35
CA GLY C 34 18.77 -15.85 -12.32
C GLY C 34 18.65 -15.32 -10.90
N VAL C 35 17.70 -14.41 -10.65
CA VAL C 35 17.61 -13.78 -9.34
C VAL C 35 17.24 -14.80 -8.26
N MET C 36 16.32 -15.70 -8.57
CA MET C 36 15.81 -16.64 -7.58
C MET C 36 16.89 -17.62 -7.14
N GLU C 37 17.76 -18.05 -8.07
CA GLU C 37 18.84 -18.94 -7.70
C GLU C 37 19.94 -18.19 -6.91
N ALA C 38 20.24 -16.96 -7.29
CA ALA C 38 21.18 -16.19 -6.51
C ALA C 38 20.68 -16.04 -5.08
N TYR C 39 19.37 -15.81 -4.95
CA TYR C 39 18.74 -15.63 -3.65
C TYR C 39 18.85 -16.93 -2.82
N ASN C 40 18.48 -18.05 -3.43
N ASN C 40 18.43 -18.06 -3.40
CA ASN C 40 18.54 -19.34 -2.75
CA ASN C 40 18.53 -19.40 -2.79
C ASN C 40 19.96 -19.70 -2.32
C ASN C 40 19.95 -19.66 -2.30
N CYS C 41 20.93 -19.37 -3.17
CA CYS C 41 22.32 -19.53 -2.80
C CYS C 41 22.69 -18.66 -1.59
N TRP C 42 22.31 -17.36 -1.58
CA TRP C 42 22.56 -16.51 -0.43
C TRP C 42 21.99 -17.12 0.87
N LYS C 43 20.75 -17.56 0.78
CA LYS C 43 20.06 -18.10 1.93
C LYS C 43 20.73 -19.36 2.47
N GLU C 44 21.09 -20.28 1.55
N GLU C 44 21.05 -20.35 1.60
CA GLU C 44 21.73 -21.54 1.89
CA GLU C 44 21.69 -21.58 2.09
C GLU C 44 23.08 -21.28 2.56
C GLU C 44 23.12 -21.29 2.59
N ALA C 45 23.86 -20.36 1.96
CA ALA C 45 25.18 -20.03 2.46
C ALA C 45 25.14 -19.42 3.87
N SER C 46 24.13 -18.57 4.12
CA SER C 46 23.95 -17.87 5.37
C SER C 46 23.55 -18.86 6.45
N LEU C 47 22.63 -19.80 6.11
CA LEU C 47 22.07 -20.76 7.05
C LEU C 47 23.16 -21.75 7.45
N CYS C 48 24.15 -21.92 6.59
CA CYS C 48 25.27 -22.86 6.82
C CYS C 48 26.31 -22.28 7.77
N ILE C 49 26.30 -20.97 7.98
CA ILE C 49 27.21 -20.32 8.92
C ILE C 49 26.50 -20.22 10.27
N GLN C 50 26.86 -21.12 11.20
CA GLN C 50 26.05 -21.24 12.40
C GLN C 50 26.69 -20.65 13.65
N GLN C 51 28.00 -20.40 13.66
N GLN C 51 28.00 -20.40 13.64
CA GLN C 51 28.60 -19.82 14.84
CA GLN C 51 28.62 -19.81 14.83
C GLN C 51 28.58 -18.30 14.66
C GLN C 51 28.60 -18.30 14.64
N ARG C 52 28.92 -17.57 15.73
CA ARG C 52 28.83 -16.12 15.72
C ARG C 52 30.11 -15.51 16.30
N ASP C 53 31.26 -16.17 16.10
CA ASP C 53 32.57 -15.61 16.34
C ASP C 53 32.89 -14.64 15.19
N LYS C 54 34.01 -13.91 15.29
CA LYS C 54 34.22 -12.80 14.37
C LYS C 54 34.34 -13.33 12.95
N ASP C 55 35.10 -14.42 12.79
CA ASP C 55 35.27 -14.97 11.45
C ASP C 55 33.94 -15.38 10.85
N SER C 56 33.05 -15.98 11.65
CA SER C 56 31.79 -16.43 11.08
C SER C 56 30.99 -15.22 10.60
N VAL C 57 31.05 -14.13 11.38
CA VAL C 57 30.26 -12.95 11.02
C VAL C 57 30.84 -12.35 9.73
N LEU C 58 32.16 -12.33 9.58
CA LEU C 58 32.78 -11.84 8.35
C LEU C 58 32.33 -12.68 7.15
N LYS C 59 32.19 -13.99 7.36
CA LYS C 59 31.71 -14.85 6.29
C LYS C 59 30.25 -14.55 5.95
N LEU C 60 29.37 -14.32 6.93
CA LEU C 60 28.01 -13.94 6.58
C LEU C 60 28.01 -12.68 5.71
N VAL C 61 28.90 -11.72 6.02
CA VAL C 61 28.94 -10.43 5.32
C VAL C 61 29.47 -10.65 3.91
N ALA C 62 30.46 -11.56 3.77
CA ALA C 62 30.92 -11.90 2.42
C ALA C 62 29.78 -12.51 1.57
N ALA C 63 28.93 -13.35 2.15
CA ALA C 63 27.79 -13.87 1.37
C ALA C 63 26.79 -12.76 1.01
N LEU C 64 26.58 -11.80 1.92
CA LEU C 64 25.71 -10.65 1.66
C LEU C 64 26.27 -9.82 0.49
N ASN C 65 27.59 -9.59 0.48
CA ASN C 65 28.21 -8.76 -0.54
C ASN C 65 28.03 -9.41 -1.90
N THR C 66 28.18 -10.74 -1.92
CA THR C 66 28.05 -11.50 -3.14
C THR C 66 26.62 -11.39 -3.64
N TYR C 67 25.64 -11.60 -2.76
CA TYR C 67 24.25 -11.53 -3.16
C TYR C 67 23.91 -10.14 -3.75
N LYS C 68 24.32 -9.07 -3.06
CA LYS C 68 24.03 -7.74 -3.57
C LYS C 68 24.77 -7.49 -4.89
N ASP C 69 26.04 -7.93 -4.98
CA ASP C 69 26.74 -7.79 -6.25
C ASP C 69 25.98 -8.49 -7.38
N ALA C 70 25.28 -9.58 -7.06
CA ALA C 70 24.56 -10.33 -8.08
C ALA C 70 23.28 -9.60 -8.52
N VAL C 71 22.42 -9.20 -7.58
CA VAL C 71 21.05 -8.87 -7.94
C VAL C 71 20.83 -7.34 -8.00
N GLU C 72 21.62 -6.58 -7.25
CA GLU C 72 21.39 -5.13 -7.25
C GLU C 72 21.47 -4.55 -8.67
N PRO C 73 22.49 -4.92 -9.49
CA PRO C 73 22.58 -4.40 -10.86
C PRO C 73 21.37 -4.78 -11.70
N ILE C 74 20.75 -5.93 -11.40
CA ILE C 74 19.55 -6.31 -12.11
C ILE C 74 18.39 -5.42 -11.63
N PHE C 75 18.25 -5.25 -10.31
CA PHE C 75 17.18 -4.40 -9.82
C PHE C 75 17.32 -2.98 -10.39
N ASP C 76 18.55 -2.43 -10.38
CA ASP C 76 18.83 -1.06 -10.77
C ASP C 76 18.60 -0.85 -12.27
N SER C 77 18.94 -1.84 -13.09
CA SER C 77 18.91 -1.53 -14.50
C SER C 77 17.73 -2.14 -15.24
N ARG C 78 16.95 -3.04 -14.62
CA ARG C 78 15.97 -3.77 -15.42
C ARG C 78 14.61 -3.82 -14.75
N LEU C 79 14.50 -3.21 -13.57
CA LEU C 79 13.24 -3.10 -12.80
C LEU C 79 13.19 -1.70 -12.18
N ASN C 80 12.70 -0.72 -12.94
CA ASN C 80 12.67 0.69 -12.47
C ASN C 80 11.75 0.87 -11.25
N SER C 81 10.45 0.58 -11.40
CA SER C 81 9.46 0.80 -10.30
C SER C 81 9.38 -0.34 -9.28
N ALA C 82 10.40 -1.18 -9.17
CA ALA C 82 10.42 -2.25 -8.16
C ALA C 82 11.80 -2.25 -7.50
N GLN C 83 12.37 -1.06 -7.31
CA GLN C 83 13.68 -0.96 -6.63
C GLN C 83 13.37 -0.81 -5.14
N GLU C 84 12.85 0.35 -4.68
CA GLU C 84 12.50 0.52 -3.24
C GLU C 84 11.56 -0.62 -2.83
N VAL C 85 11.10 -1.40 -3.81
CA VAL C 85 10.20 -2.53 -3.57
C VAL C 85 10.99 -3.78 -3.14
N LEU C 86 12.17 -4.02 -3.74
CA LEU C 86 12.92 -5.25 -3.52
C LEU C 86 14.25 -5.01 -2.79
N GLN C 87 14.94 -3.91 -3.07
CA GLN C 87 16.32 -3.70 -2.60
C GLN C 87 16.40 -3.50 -1.08
N PRO C 88 15.53 -2.68 -0.44
CA PRO C 88 15.63 -2.43 1.01
C PRO C 88 15.49 -3.70 1.86
N SER C 89 14.72 -4.68 1.37
CA SER C 89 14.49 -5.88 2.19
C SER C 89 15.73 -6.77 2.30
N ILE C 90 16.78 -6.52 1.50
CA ILE C 90 17.98 -7.35 1.54
C ILE C 90 18.70 -7.24 2.89
N LEU C 91 18.99 -6.01 3.33
CA LEU C 91 19.57 -5.82 4.65
C LEU C 91 18.65 -6.35 5.75
N GLU C 92 17.34 -6.21 5.58
CA GLU C 92 16.43 -6.66 6.61
C GLU C 92 16.58 -8.17 6.81
N GLU C 93 16.57 -8.93 5.69
CA GLU C 93 16.75 -10.37 5.74
C GLU C 93 18.15 -10.72 6.24
N PHE C 94 19.14 -9.90 5.89
CA PHE C 94 20.47 -10.13 6.45
C PHE C 94 20.42 -10.11 7.98
N PHE C 95 19.78 -9.10 8.56
CA PHE C 95 19.74 -9.05 10.02
C PHE C 95 18.90 -10.22 10.59
N GLU C 96 17.96 -10.77 9.84
CA GLU C 96 17.28 -11.99 10.26
C GLU C 96 18.25 -13.17 10.40
N TYR C 97 19.14 -13.35 9.43
CA TYR C 97 20.20 -14.37 9.54
C TYR C 97 21.13 -14.06 10.71
N LEU C 98 21.61 -12.80 10.83
CA LEU C 98 22.66 -12.51 11.80
C LEU C 98 22.14 -12.85 13.20
N PHE C 99 20.85 -12.55 13.44
CA PHE C 99 20.29 -12.69 14.78
C PHE C 99 19.46 -13.98 14.94
N SER C 100 19.56 -14.92 13.99
CA SER C 100 18.69 -16.08 14.07
C SER C 100 19.11 -17.07 15.16
N ARG C 101 20.31 -16.90 15.70
CA ARG C 101 20.84 -17.84 16.72
C ARG C 101 21.07 -17.13 18.06
N ILE C 102 20.20 -16.19 18.42
CA ILE C 102 20.37 -15.53 19.71
C ILE C 102 19.71 -16.33 20.84
N ASP C 103 18.78 -17.24 20.51
CA ASP C 103 17.90 -17.80 21.52
C ASP C 103 18.71 -18.46 22.64
N SER C 104 19.66 -19.35 22.30
CA SER C 104 20.42 -20.02 23.35
C SER C 104 21.30 -19.03 24.13
N ILE C 105 21.91 -18.03 23.46
CA ILE C 105 22.75 -17.08 24.18
C ILE C 105 21.92 -16.30 25.19
N VAL C 106 20.79 -15.71 24.79
CA VAL C 106 20.04 -14.86 25.70
C VAL C 106 19.15 -15.67 26.63
N GLY C 107 18.95 -16.96 26.32
CA GLY C 107 18.27 -17.89 27.21
C GLY C 107 16.74 -17.73 27.20
N VAL C 108 16.20 -17.23 26.09
CA VAL C 108 14.76 -17.06 25.95
C VAL C 108 14.41 -17.02 24.47
N ASN C 109 13.16 -17.41 24.16
CA ASN C 109 12.70 -17.43 22.78
C ASN C 109 12.18 -16.05 22.38
N ILE C 110 12.94 -15.33 21.57
CA ILE C 110 12.53 -13.99 21.24
C ILE C 110 11.55 -14.10 20.08
N PRO C 111 10.27 -13.67 20.22
CA PRO C 111 9.31 -13.86 19.12
C PRO C 111 9.51 -12.92 17.94
N ILE C 112 10.03 -11.71 18.21
CA ILE C 112 10.27 -10.69 17.14
C ILE C 112 11.73 -10.77 16.69
N ARG C 113 11.97 -10.68 15.39
CA ARG C 113 13.34 -10.74 14.81
C ARG C 113 13.30 -10.25 13.35
N HIS C 114 12.29 -9.46 13.00
CA HIS C 114 12.15 -8.93 11.62
C HIS C 114 11.46 -7.57 11.64
N PRO C 115 11.15 -6.96 10.46
CA PRO C 115 10.49 -5.65 10.42
C PRO C 115 9.15 -5.76 11.16
N ALA C 116 8.77 -4.70 11.87
CA ALA C 116 7.51 -4.74 12.58
C ALA C 116 7.18 -3.32 13.02
N LYS C 117 5.96 -3.13 13.54
CA LYS C 117 5.54 -1.82 14.03
C LYS C 117 5.79 -1.72 15.54
N GLY C 118 6.75 -0.90 15.94
CA GLY C 118 7.11 -0.80 17.35
C GLY C 118 6.21 0.22 18.05
N TYR C 119 5.62 -0.21 19.17
CA TYR C 119 4.73 0.58 20.00
C TYR C 119 5.29 1.98 20.28
N LEU C 120 4.48 3.03 20.07
CA LEU C 120 4.91 4.39 20.41
C LEU C 120 4.01 5.01 21.48
N SER C 121 2.65 4.84 21.37
CA SER C 121 1.79 5.52 22.34
C SER C 121 0.34 4.98 22.29
N LEU C 122 -0.40 5.27 23.36
CA LEU C 122 -1.79 4.94 23.56
C LEU C 122 -2.51 6.26 23.87
N SER C 123 -3.57 6.53 23.10
CA SER C 123 -4.38 7.67 23.43
C SER C 123 -5.87 7.32 23.30
N PHE C 124 -6.71 8.12 23.94
CA PHE C 124 -8.13 7.86 24.02
C PHE C 124 -8.84 8.89 23.16
N ASN C 125 -9.72 8.40 22.29
CA ASN C 125 -10.54 9.26 21.38
C ASN C 125 -11.96 8.70 21.45
N PRO C 126 -12.66 8.83 22.60
CA PRO C 126 -13.99 8.21 22.74
C PRO C 126 -14.98 8.91 21.82
N HIS C 127 -16.01 8.15 21.45
N HIS C 127 -16.01 8.16 21.37
CA HIS C 127 -17.01 8.61 20.50
CA HIS C 127 -17.00 8.71 20.46
C HIS C 127 -17.89 9.66 21.17
C HIS C 127 -17.88 9.73 21.18
N ASN C 128 -18.34 9.38 22.40
CA ASN C 128 -19.19 10.30 23.14
C ASN C 128 -18.99 10.02 24.61
N ILE C 129 -19.77 10.70 25.45
CA ILE C 129 -19.59 10.58 26.87
C ILE C 129 -20.02 9.18 27.32
N GLU C 130 -21.05 8.63 26.69
CA GLU C 130 -21.54 7.31 27.05
C GLU C 130 -20.49 6.23 26.74
N THR C 131 -19.85 6.28 25.56
CA THR C 131 -18.78 5.35 25.30
C THR C 131 -17.54 5.61 26.15
N LEU C 132 -17.28 6.88 26.53
CA LEU C 132 -16.13 7.19 27.39
C LEU C 132 -16.25 6.37 28.68
N ILE C 133 -17.44 6.39 29.30
CA ILE C 133 -17.67 5.68 30.56
C ILE C 133 -17.66 4.16 30.30
N GLN C 134 -18.39 3.69 29.27
CA GLN C 134 -18.72 2.27 29.12
C GLN C 134 -17.57 1.48 28.49
N SER C 135 -16.93 2.02 27.43
N SER C 135 -16.91 2.04 27.46
CA SER C 135 -15.94 1.31 26.62
CA SER C 135 -15.94 1.33 26.67
C SER C 135 -15.16 2.30 25.76
C SER C 135 -15.16 2.30 25.77
N PRO C 136 -14.19 3.05 26.34
CA PRO C 136 -13.53 4.15 25.64
C PRO C 136 -12.68 3.71 24.43
N GLU C 137 -13.05 4.25 23.27
CA GLU C 137 -12.28 4.00 22.08
C GLU C 137 -10.88 4.58 22.24
N TYR C 138 -9.89 3.90 21.64
CA TYR C 138 -8.51 4.33 21.83
C TYR C 138 -7.72 4.05 20.58
N THR C 139 -6.54 4.65 20.48
CA THR C 139 -5.65 4.47 19.30
C THR C 139 -4.22 4.16 19.77
N VAL C 140 -3.64 3.06 19.27
CA VAL C 140 -2.25 2.66 19.65
C VAL C 140 -1.29 3.16 18.55
N ARG C 141 -0.38 4.06 18.93
CA ARG C 141 0.61 4.62 17.97
C ARG C 141 1.82 3.67 17.85
N ALA C 142 2.23 3.37 16.62
CA ALA C 142 3.38 2.47 16.37
C ALA C 142 4.08 2.88 15.07
N LYS C 143 5.40 2.72 15.00
CA LYS C 143 6.16 3.07 13.82
C LYS C 143 6.79 1.80 13.24
N ASP C 144 6.58 1.59 11.94
CA ASP C 144 7.30 0.61 11.13
C ASP C 144 8.81 0.79 11.28
N HIS C 145 9.49 -0.27 11.67
CA HIS C 145 10.95 -0.21 11.60
C HIS C 145 11.37 -1.35 10.68
N ASP C 146 12.56 -1.18 10.09
CA ASP C 146 13.10 -2.12 9.11
C ASP C 146 13.52 -3.41 9.80
N PHE C 147 13.85 -3.34 11.09
CA PHE C 147 14.21 -4.56 11.82
C PHE C 147 14.04 -4.36 13.33
N ILE C 148 13.28 -5.25 13.98
CA ILE C 148 13.07 -5.20 15.44
C ILE C 148 13.48 -6.52 16.08
N ILE C 149 14.24 -6.46 17.18
CA ILE C 149 14.30 -7.59 18.07
C ILE C 149 13.47 -7.20 19.31
N GLY C 150 12.46 -8.01 19.65
CA GLY C 150 11.58 -7.56 20.70
C GLY C 150 10.50 -8.59 21.10
N GLY C 151 9.64 -8.17 22.06
CA GLY C 151 8.57 -9.00 22.58
C GLY C 151 7.23 -8.61 21.96
N SER C 152 6.27 -9.50 22.09
N SER C 152 6.28 -9.50 22.15
CA SER C 152 4.93 -9.14 21.68
CA SER C 152 4.92 -9.30 21.69
C SER C 152 4.03 -9.21 22.91
C SER C 152 4.02 -9.24 22.92
N ALA C 153 3.10 -8.27 22.97
CA ALA C 153 2.25 -8.11 24.14
C ALA C 153 0.81 -7.85 23.71
N LYS C 154 -0.10 -8.11 24.63
CA LYS C 154 -1.48 -7.75 24.40
C LYS C 154 -1.81 -6.62 25.35
N LEU C 155 -2.42 -5.59 24.79
CA LEU C 155 -2.91 -4.47 25.55
C LEU C 155 -4.44 -4.54 25.55
N THR C 156 -5.05 -4.46 26.73
CA THR C 156 -6.50 -4.49 26.87
C THR C 156 -6.98 -3.24 27.61
N ILE C 157 -8.06 -2.65 27.09
CA ILE C 157 -8.74 -1.58 27.77
C ILE C 157 -10.18 -1.99 28.08
N GLN C 158 -10.65 -1.73 29.30
CA GLN C 158 -12.03 -2.01 29.67
C GLN C 158 -12.60 -0.82 30.41
N GLY C 159 -13.80 -0.36 30.03
CA GLY C 159 -14.53 0.64 30.79
C GLY C 159 -15.57 0.01 31.72
N HIS C 160 -16.64 0.75 32.03
CA HIS C 160 -17.68 0.30 32.94
C HIS C 160 -18.50 -0.88 32.38
N GLY C 161 -18.65 -0.97 31.07
CA GLY C 161 -19.31 -2.05 30.37
C GLY C 161 -18.66 -3.41 30.61
N GLY C 162 -17.35 -3.44 30.88
CA GLY C 162 -16.66 -4.66 31.30
C GLY C 162 -16.11 -5.48 30.13
N GLU C 163 -16.62 -5.30 28.91
CA GLU C 163 -16.13 -6.03 27.75
C GLU C 163 -14.84 -5.36 27.25
N GLY C 164 -13.73 -6.13 27.20
CA GLY C 164 -12.47 -5.54 26.81
C GLY C 164 -12.29 -5.41 25.29
N GLU C 165 -11.44 -4.47 24.91
CA GLU C 165 -10.90 -4.43 23.57
C GLU C 165 -9.41 -4.62 23.69
N THR C 166 -8.88 -5.53 22.89
CA THR C 166 -7.47 -5.89 22.95
C THR C 166 -6.79 -5.42 21.67
N THR C 167 -5.53 -5.01 21.80
CA THR C 167 -4.66 -4.77 20.66
C THR C 167 -3.35 -5.50 20.87
N ASN C 168 -2.80 -6.12 19.81
CA ASN C 168 -1.50 -6.75 19.91
C ASN C 168 -0.42 -5.73 19.62
N ILE C 169 0.67 -5.71 20.39
CA ILE C 169 1.66 -4.67 20.12
C ILE C 169 3.01 -5.35 20.11
N VAL C 170 4.00 -4.60 19.65
CA VAL C 170 5.38 -5.04 19.65
C VAL C 170 6.18 -4.09 20.51
N VAL C 171 6.95 -4.64 21.46
CA VAL C 171 7.73 -3.83 22.38
C VAL C 171 9.20 -4.12 22.05
N PRO C 172 9.90 -3.23 21.32
CA PRO C 172 11.24 -3.56 20.85
C PRO C 172 12.29 -3.44 21.95
N ALA C 173 13.31 -4.28 21.91
CA ALA C 173 14.55 -4.13 22.68
C ALA C 173 15.65 -3.56 21.77
N VAL C 174 15.59 -3.83 20.46
CA VAL C 174 16.48 -3.23 19.46
C VAL C 174 15.66 -2.87 18.22
N ALA C 175 15.89 -1.69 17.65
CA ALA C 175 15.27 -1.31 16.38
C ALA C 175 16.36 -0.85 15.41
N ILE C 176 16.29 -1.34 14.16
CA ILE C 176 17.29 -0.97 13.17
C ILE C 176 16.59 -0.43 11.92
N GLU C 177 16.94 0.78 11.50
CA GLU C 177 16.53 1.20 10.15
C GLU C 177 17.65 0.91 9.15
N CYS C 178 17.26 0.38 7.97
CA CYS C 178 18.17 -0.01 6.90
C CYS C 178 17.90 0.85 5.65
N LYS C 179 18.88 1.65 5.22
CA LYS C 179 18.71 2.55 4.10
C LYS C 179 19.86 2.33 3.12
N ARG C 180 19.61 2.49 1.82
CA ARG C 180 20.69 2.38 0.86
C ARG C 180 21.58 3.62 0.97
N TYR C 181 20.98 4.82 1.00
CA TYR C 181 21.78 5.96 1.41
C TYR C 181 21.04 6.81 2.44
N LEU C 182 21.80 7.51 3.28
CA LEU C 182 21.23 8.36 4.34
C LEU C 182 21.28 9.83 3.89
N GLU C 183 20.11 10.44 3.66
CA GLU C 183 20.03 11.86 3.22
C GLU C 183 19.45 12.70 4.37
N ARG C 184 19.54 14.03 4.25
CA ARG C 184 19.05 14.96 5.29
C ARG C 184 17.59 14.64 5.63
N ASN C 185 16.72 14.63 4.61
CA ASN C 185 15.27 14.35 4.81
C ASN C 185 15.08 13.09 5.64
N MET C 186 15.69 11.97 5.22
CA MET C 186 15.56 10.67 5.93
C MET C 186 16.04 10.83 7.39
N LEU C 187 17.27 11.32 7.58
CA LEU C 187 17.86 11.49 8.93
C LEU C 187 16.87 12.24 9.84
N ASP C 188 16.10 13.16 9.33
CA ASP C 188 15.20 13.99 10.18
C ASP C 188 14.04 13.14 10.69
N GLU C 189 13.63 12.52 9.77
CA GLU C 189 12.49 11.64 10.14
C GLU C 189 12.91 10.64 11.21
N CYS C 190 14.12 10.10 11.11
CA CYS C 190 14.63 9.10 12.09
C CYS C 190 14.82 9.76 13.47
N ALA C 191 15.37 10.97 13.49
CA ALA C 191 15.62 11.70 14.76
C ALA C 191 14.31 11.90 15.52
N GLY C 192 13.25 12.28 14.82
CA GLY C 192 11.95 12.53 15.43
C GLY C 192 11.31 11.21 15.86
N THR C 193 11.60 10.14 15.09
CA THR C 193 11.17 8.82 15.53
C THR C 193 11.93 8.38 16.78
N ALA C 194 13.26 8.59 16.82
CA ALA C 194 14.04 8.18 17.97
C ALA C 194 13.50 8.84 19.25
N GLU C 195 13.01 10.09 19.14
CA GLU C 195 12.53 10.80 20.31
C GLU C 195 11.34 10.03 20.88
N ARG C 196 10.35 9.77 20.03
CA ARG C 196 9.11 9.09 20.36
C ARG C 196 9.41 7.70 20.94
N LEU C 197 10.40 7.02 20.36
CA LEU C 197 10.69 5.63 20.67
C LEU C 197 11.32 5.53 22.06
N LYS C 198 12.21 6.49 22.39
CA LYS C 198 12.88 6.48 23.69
C LYS C 198 11.89 6.86 24.79
N ARG C 199 10.85 7.62 24.47
CA ARG C 199 9.79 7.88 25.42
C ARG C 199 8.93 6.63 25.62
N ALA C 200 8.58 5.91 24.55
CA ALA C 200 7.73 4.73 24.63
C ALA C 200 8.47 3.55 25.27
N THR C 201 9.76 3.42 24.94
CA THR C 201 10.55 2.25 25.28
C THR C 201 11.97 2.73 25.57
N PRO C 202 12.26 3.30 26.77
CA PRO C 202 13.59 3.89 27.02
C PRO C 202 14.76 2.92 26.95
N TYR C 203 14.53 1.61 26.94
CA TYR C 203 15.66 0.70 26.94
C TYR C 203 15.85 0.06 25.57
N CYS C 204 15.18 0.59 24.56
CA CYS C 204 15.33 0.09 23.19
C CYS C 204 16.56 0.79 22.59
N LEU C 205 17.50 0.02 22.05
CA LEU C 205 18.65 0.50 21.29
C LEU C 205 18.14 0.81 19.88
N TYR C 206 18.49 1.99 19.34
CA TYR C 206 18.03 2.43 18.04
C TYR C 206 19.22 2.72 17.12
N PHE C 207 19.36 1.97 16.02
CA PHE C 207 20.45 2.14 15.08
C PHE C 207 19.92 2.57 13.70
N VAL C 208 20.72 3.38 13.00
CA VAL C 208 20.47 3.65 11.59
C VAL C 208 21.65 3.06 10.82
N VAL C 209 21.33 2.18 9.86
CA VAL C 209 22.34 1.52 9.04
C VAL C 209 22.14 1.94 7.59
N ALA C 210 23.19 2.51 6.99
CA ALA C 210 23.13 2.91 5.58
C ALA C 210 24.35 2.33 4.87
N GLU C 211 24.30 2.28 3.53
CA GLU C 211 25.48 1.89 2.78
C GLU C 211 26.32 3.10 2.40
N TYR C 212 25.64 4.17 1.96
CA TYR C 212 26.31 5.36 1.48
C TYR C 212 25.75 6.58 2.23
N LEU C 213 26.58 7.62 2.33
CA LEU C 213 26.16 8.84 2.99
C LEU C 213 25.93 9.90 1.94
N LYS C 214 24.72 10.46 1.93
CA LYS C 214 24.30 11.52 1.00
C LYS C 214 23.99 12.80 1.78
N LEU C 215 24.97 13.44 2.43
CA LEU C 215 24.58 14.69 3.06
C LEU C 215 25.59 15.79 2.79
N ASP C 216 25.07 17.03 2.72
CA ASP C 216 25.89 18.22 2.38
C ASP C 216 26.48 18.84 3.65
N ASP C 217 26.58 20.18 3.68
CA ASP C 217 27.16 20.91 4.79
C ASP C 217 26.29 20.82 6.04
N GLY C 218 25.00 20.59 5.81
CA GLY C 218 23.98 20.79 6.83
C GLY C 218 24.31 19.98 8.07
N ALA C 219 24.12 20.59 9.24
CA ALA C 219 24.43 19.95 10.51
C ALA C 219 23.28 19.02 10.89
N PRO C 220 23.49 17.70 11.02
CA PRO C 220 22.40 16.78 11.35
C PRO C 220 22.15 16.74 12.86
N GLU C 221 20.93 16.39 13.26
CA GLU C 221 20.73 16.10 14.67
C GLU C 221 20.72 14.58 14.84
N LEU C 222 21.41 14.14 15.90
CA LEU C 222 21.76 12.75 16.10
C LEU C 222 21.09 12.30 17.38
N THR C 223 20.34 13.24 17.95
CA THR C 223 19.69 13.13 19.25
C THR C 223 19.01 11.76 19.41
N GLU C 224 19.47 10.98 20.39
N GLU C 224 19.54 11.01 20.39
CA GLU C 224 18.78 9.76 20.83
CA GLU C 224 19.02 9.73 20.88
C GLU C 224 18.98 8.61 19.85
C GLU C 224 18.82 8.71 19.76
N ILE C 225 19.60 8.88 18.69
CA ILE C 225 20.01 7.76 17.85
C ILE C 225 21.27 7.19 18.49
N ASP C 226 21.26 5.88 18.75
CA ASP C 226 22.37 5.23 19.41
C ASP C 226 23.57 5.14 18.48
N GLU C 227 23.36 4.74 17.22
CA GLU C 227 24.50 4.73 16.33
C GLU C 227 24.02 4.76 14.89
N ILE C 228 24.82 5.40 14.04
CA ILE C 228 24.58 5.43 12.60
C ILE C 228 25.79 4.81 11.90
N TYR C 229 25.57 3.83 11.03
CA TYR C 229 26.63 3.16 10.30
C TYR C 229 26.58 3.53 8.81
N ILE C 230 27.77 3.69 8.18
CA ILE C 230 27.87 3.87 6.74
C ILE C 230 28.71 2.70 6.24
N LEU C 231 28.03 1.65 5.79
CA LEU C 231 28.68 0.36 5.61
C LEU C 231 29.75 0.36 4.52
N ARG C 232 29.67 1.28 3.54
CA ARG C 232 30.62 1.21 2.43
C ARG C 232 31.67 2.32 2.53
N HIS C 233 31.60 3.15 3.59
CA HIS C 233 32.55 4.22 3.78
C HIS C 233 32.57 5.11 2.53
N GLN C 234 31.45 5.27 1.83
CA GLN C 234 31.49 6.05 0.60
C GLN C 234 30.36 7.07 0.60
N ARG C 235 30.58 8.14 -0.16
CA ARG C 235 29.58 9.19 -0.37
C ARG C 235 28.67 8.73 -1.51
N ASN C 236 27.37 8.93 -1.38
CA ASN C 236 26.41 8.57 -2.41
C ASN C 236 26.78 9.20 -3.77
N SER C 237 27.35 10.40 -3.78
CA SER C 237 27.57 11.07 -5.05
C SER C 237 28.68 10.39 -5.85
N GLU C 238 29.44 9.49 -5.21
CA GLU C 238 30.48 8.80 -5.94
C GLU C 238 29.86 7.84 -6.98
N ARG C 239 28.61 7.42 -6.71
CA ARG C 239 28.04 6.26 -7.38
C ARG C 239 27.82 6.51 -8.86
N ASN C 240 27.63 7.77 -9.28
CA ASN C 240 27.31 8.03 -10.67
C ASN C 240 28.55 8.49 -11.45
N LYS C 241 29.74 8.34 -10.86
CA LYS C 241 30.94 8.81 -11.54
C LYS C 241 31.53 7.70 -12.41
N PRO C 242 32.13 8.07 -13.56
CA PRO C 242 32.76 7.08 -14.43
C PRO C 242 33.79 6.28 -13.64
N GLY C 243 33.83 4.97 -13.84
CA GLY C 243 34.80 4.15 -13.11
C GLY C 243 34.48 3.88 -11.64
N PHE C 244 33.38 4.43 -11.10
CA PHE C 244 33.00 4.16 -9.71
C PHE C 244 33.04 2.66 -9.46
N LYS C 245 33.57 2.29 -8.29
CA LYS C 245 33.62 0.87 -7.86
C LYS C 245 33.12 0.82 -6.42
N PRO C 246 31.92 0.25 -6.12
CA PRO C 246 31.42 0.27 -4.73
C PRO C 246 32.41 -0.46 -3.83
N ASN C 247 32.83 0.17 -2.73
CA ASN C 247 33.45 -0.60 -1.67
C ASN C 247 32.48 -1.66 -1.17
N PRO C 248 32.96 -2.85 -0.75
CA PRO C 248 32.07 -3.84 -0.17
C PRO C 248 31.50 -3.34 1.15
N ILE C 249 30.33 -3.86 1.54
CA ILE C 249 29.88 -3.66 2.91
C ILE C 249 30.98 -4.15 3.85
N ASP C 250 31.38 -3.29 4.82
CA ASP C 250 32.46 -3.54 5.75
C ASP C 250 32.02 -4.49 6.88
N GLY C 251 32.59 -5.70 6.89
CA GLY C 251 32.29 -6.74 7.88
C GLY C 251 32.69 -6.32 9.29
N GLU C 252 33.71 -5.46 9.41
N GLU C 252 33.72 -5.47 9.41
CA GLU C 252 34.16 -5.00 10.71
CA GLU C 252 34.15 -5.00 10.73
C GLU C 252 33.03 -4.19 11.36
C GLU C 252 33.03 -4.19 11.37
N LEU C 253 32.30 -3.40 10.57
CA LEU C 253 31.19 -2.62 11.12
C LEU C 253 30.04 -3.55 11.55
N ILE C 254 29.74 -4.58 10.76
CA ILE C 254 28.68 -5.52 11.14
C ILE C 254 29.04 -6.28 12.43
N TRP C 255 30.33 -6.61 12.60
CA TRP C 255 30.85 -7.23 13.80
C TRP C 255 30.61 -6.33 15.01
N ASP C 256 30.92 -5.04 14.85
N ASP C 256 30.89 -5.05 14.81
CA ASP C 256 30.70 -4.03 15.88
CA ASP C 256 30.70 -4.02 15.81
C ASP C 256 29.22 -4.02 16.28
C ASP C 256 29.25 -3.97 16.25
N LEU C 257 28.33 -3.92 15.27
CA LEU C 257 26.89 -3.87 15.49
C LEU C 257 26.42 -5.14 16.23
N TYR C 258 26.90 -6.32 15.79
CA TYR C 258 26.45 -7.60 16.35
C TYR C 258 26.83 -7.60 17.84
N GLN C 259 28.06 -7.11 18.12
CA GLN C 259 28.57 -7.18 19.48
C GLN C 259 27.77 -6.25 20.38
N GLU C 260 27.42 -5.08 19.85
CA GLU C 260 26.67 -4.04 20.61
C GLU C 260 25.26 -4.56 20.92
N VAL C 261 24.62 -5.23 19.95
CA VAL C 261 23.28 -5.74 20.14
C VAL C 261 23.28 -6.81 21.23
N MET C 262 24.20 -7.78 21.12
N MET C 262 24.22 -7.76 21.13
CA MET C 262 24.27 -8.89 22.07
CA MET C 262 24.23 -8.90 22.04
C MET C 262 24.53 -8.36 23.47
C MET C 262 24.56 -8.44 23.45
N ASN C 263 25.48 -7.43 23.60
N ASN C 263 25.46 -7.45 23.56
CA ASN C 263 25.79 -6.84 24.90
CA ASN C 263 25.78 -6.88 24.87
C ASN C 263 24.51 -6.26 25.51
C ASN C 263 24.52 -6.27 25.49
N HIS C 264 23.73 -5.55 24.68
CA HIS C 264 22.50 -4.93 25.15
C HIS C 264 21.47 -6.00 25.59
N LEU C 265 21.34 -7.09 24.81
CA LEU C 265 20.32 -8.09 25.08
C LEU C 265 20.65 -8.84 26.35
N GLY C 266 21.95 -8.90 26.70
CA GLY C 266 22.35 -9.69 27.86
C GLY C 266 22.26 -8.93 29.18
N LYS C 267 21.86 -7.65 29.15
CA LYS C 267 22.04 -6.80 30.31
C LYS C 267 20.71 -6.61 31.04
N ILE C 268 20.76 -6.27 32.32
CA ILE C 268 19.63 -5.74 33.07
C ILE C 268 19.65 -4.23 32.85
N TRP C 269 18.58 -3.68 32.28
CA TRP C 269 18.69 -2.34 31.74
C TRP C 269 18.66 -1.24 32.79
N TRP C 270 17.85 -1.39 33.82
CA TRP C 270 17.98 -0.52 34.99
C TRP C 270 18.24 -1.39 36.21
N ASP C 271 19.45 -1.24 36.78
CA ASP C 271 19.94 -2.10 37.84
C ASP C 271 20.46 -1.18 38.94
N PRO C 272 19.60 -0.77 39.89
CA PRO C 272 19.97 0.19 40.93
C PRO C 272 21.21 -0.19 41.75
N ASN C 273 21.35 -1.45 42.15
CA ASN C 273 22.46 -1.80 43.02
C ASN C 273 23.76 -1.74 42.23
N SER C 274 23.65 -2.01 40.95
CA SER C 274 24.80 -1.93 40.07
C SER C 274 25.22 -0.47 39.85
N ALA C 275 24.23 0.43 39.68
CA ALA C 275 24.41 1.87 39.63
C ALA C 275 25.19 2.37 40.84
N LEU C 276 24.69 2.04 42.04
CA LEU C 276 25.32 2.39 43.30
C LEU C 276 26.75 1.88 43.41
N GLN C 277 26.95 0.60 43.07
CA GLN C 277 28.30 0.06 43.17
C GLN C 277 29.22 0.78 42.18
N ARG C 278 28.75 0.99 40.95
CA ARG C 278 29.59 1.57 39.89
C ARG C 278 29.84 3.05 40.16
N GLY C 279 28.84 3.74 40.69
CA GLY C 279 28.92 5.18 40.86
C GLY C 279 28.38 5.95 39.65
N LYS C 280 28.14 5.24 38.54
CA LYS C 280 27.55 5.85 37.37
C LYS C 280 26.55 4.90 36.73
N VAL C 281 25.35 5.44 36.48
CA VAL C 281 24.20 4.75 35.93
C VAL C 281 24.47 4.15 34.55
N PHE C 282 25.22 4.87 33.73
CA PHE C 282 25.59 4.41 32.37
C PHE C 282 27.02 3.88 32.43
N ASN C 283 27.16 2.61 32.09
CA ASN C 283 28.43 1.83 32.08
C ASN C 283 29.09 1.96 30.70
N ARG C 284 29.75 0.90 30.24
CA ARG C 284 30.36 0.97 28.88
C ARG C 284 30.45 -0.46 28.31
C ACT D . 11.65 -27.06 -9.18
O ACT D . 12.01 -27.48 -10.29
OXT ACT D . 10.88 -26.09 -9.08
CH3 ACT D . 12.46 -27.40 -7.97
C1 GOL E . -19.50 -9.04 -6.00
O1 GOL E . -20.63 -8.65 -5.19
C2 GOL E . -19.61 -10.52 -6.35
O2 GOL E . -20.99 -10.91 -6.37
C3 GOL E . -18.97 -10.78 -7.70
O3 GOL E . -19.89 -10.57 -8.78
C1 GOL F . -3.58 -41.44 -8.57
O1 GOL F . -2.52 -42.24 -8.06
C2 GOL F . -4.67 -41.56 -7.51
O2 GOL F . -4.56 -40.49 -6.58
C3 GOL F . -6.05 -41.60 -8.22
O3 GOL F . -7.11 -41.47 -7.26
C1 GOL G . -1.63 -45.08 -15.23
O1 GOL G . -1.40 -44.18 -16.33
C2 GOL G . -1.92 -44.27 -13.97
O2 GOL G . -2.02 -42.87 -14.31
C3 GOL G . -3.20 -44.73 -13.27
O3 GOL G . -3.62 -43.77 -12.28
C1 GOL H . -23.52 -6.17 -3.37
O1 GOL H . -23.16 -7.24 -4.26
C2 GOL H . -22.69 -4.91 -3.59
O2 GOL H . -22.50 -4.67 -4.99
C3 GOL H . -23.41 -3.72 -2.99
O3 GOL H . -23.07 -2.53 -3.69
C1 GOL I . -31.52 -17.29 -8.44
O1 GOL I . -32.82 -17.83 -8.74
C2 GOL I . -31.43 -16.79 -7.00
O2 GOL I . -30.14 -16.20 -6.78
C3 GOL I . -32.51 -15.76 -6.70
O3 GOL I . -32.29 -15.20 -5.39
C1 GOL J . -12.59 -37.87 -33.65
O1 GOL J . -11.23 -38.25 -33.84
C2 GOL J . -13.10 -38.39 -32.31
O2 GOL J . -14.52 -38.16 -32.21
C3 GOL J . -12.84 -39.87 -32.15
O3 GOL J . -12.81 -40.15 -30.74
P PO4 K . -24.06 -26.05 -27.67
O1 PO4 K . -24.33 -24.56 -27.57
O2 PO4 K . -23.27 -26.35 -28.92
O3 PO4 K . -23.29 -26.53 -26.47
O4 PO4 K . -25.38 -26.79 -27.66
C1 GOL L . 20.51 29.06 9.12
O1 GOL L . 19.84 27.86 8.70
C2 GOL L . 22.00 28.90 8.88
O2 GOL L . 22.24 28.58 7.52
C3 GOL L . 22.72 30.21 9.16
O3 GOL L . 24.10 30.02 8.85
C1 GOL M . -13.67 20.71 -10.82
O1 GOL M . -14.48 20.34 -11.94
C2 GOL M . -13.22 19.40 -10.21
O2 GOL M . -11.91 19.08 -10.68
C3 GOL M . -13.28 19.51 -8.68
O3 GOL M . -12.93 18.28 -8.03
C1 GOL N . 10.83 21.82 17.91
O1 GOL N . 9.68 22.61 17.57
C2 GOL N . 11.71 21.61 16.69
O2 GOL N . 11.33 22.50 15.61
C3 GOL N . 13.15 21.88 17.10
O3 GOL N . 14.03 21.09 16.30
C1 GOL O . -4.61 14.90 -7.06
O1 GOL O . -4.62 16.12 -7.84
C2 GOL O . -5.55 13.87 -7.69
O2 GOL O . -4.82 13.03 -8.58
C3 GOL O . -6.18 13.02 -6.60
O3 GOL O . -6.95 13.86 -5.75
C1 GOL P . 36.58 34.56 25.38
O1 GOL P . 36.89 34.38 23.99
C2 GOL P . 35.64 35.75 25.52
O2 GOL P . 34.30 35.35 25.13
C3 GOL P . 35.76 36.31 26.95
O3 GOL P . 34.74 37.32 27.15
C1 GOL Q . -17.75 43.86 -7.53
O1 GOL Q . -18.89 43.10 -7.08
C2 GOL Q . -17.33 44.83 -6.41
O2 GOL Q . -16.51 44.14 -5.44
C3 GOL Q . -16.63 46.04 -7.03
O3 GOL Q . -15.21 45.83 -7.05
C1 GOL R . -11.33 8.13 -0.67
O1 GOL R . -10.55 6.97 -0.96
C2 GOL R . -12.50 7.85 0.29
O2 GOL R . -12.25 6.76 1.19
C3 GOL R . -12.83 9.10 1.08
O3 GOL R . -14.24 9.15 1.32
C1 GOL S . -16.63 3.27 -12.15
O1 GOL S . -17.64 2.75 -12.99
C2 GOL S . -16.37 2.20 -11.10
O2 GOL S . -15.70 1.10 -11.73
C3 GOL S . -15.54 2.79 -9.93
O3 GOL S . -16.42 3.42 -8.99
C1 GOL T . -2.97 34.10 -24.15
O1 GOL T . -3.21 32.83 -24.74
C2 GOL T . -3.89 34.29 -22.96
O2 GOL T . -3.20 34.99 -21.95
C3 GOL T . -5.15 35.02 -23.42
O3 GOL T . -5.50 36.11 -22.57
P PO4 U . -8.40 35.14 17.16
O1 PO4 U . -9.45 36.22 16.96
O2 PO4 U . -8.18 34.38 15.89
O3 PO4 U . -7.09 35.79 17.58
O4 PO4 U . -8.86 34.17 18.21
C1 GOL V . -8.66 0.26 18.24
O1 GOL V . -9.30 -0.49 19.27
C2 GOL V . -7.17 0.37 18.55
O2 GOL V . -6.63 -0.95 18.49
C3 GOL V . -6.49 1.27 17.52
O3 GOL V . -5.09 1.00 17.44
C1 GOL W . 2.57 11.41 20.30
O1 GOL W . 1.29 11.06 19.78
C2 GOL W . 3.22 10.16 20.87
O2 GOL W . 4.03 9.55 19.86
C3 GOL W . 4.04 10.51 22.11
O3 GOL W . 5.43 10.65 21.77
C1 GOL X . 26.75 -3.65 -5.59
O1 GOL X . 27.06 -3.90 -6.96
C2 GOL X . 26.14 -2.27 -5.60
O2 GOL X . 24.76 -2.36 -5.96
C3 GOL X . 26.37 -1.60 -4.25
O3 GOL X . 25.91 -0.25 -4.26
C1 GOL Y . 37.68 -15.55 15.84
O1 GOL Y . 36.84 -15.59 14.67
C2 GOL Y . 36.80 -15.43 17.09
O2 GOL Y . 37.33 -16.25 18.14
C3 GOL Y . 36.67 -13.99 17.58
O3 GOL Y . 35.29 -13.69 17.84
C1 GOL Z . 38.16 -5.90 16.75
O1 GOL Z . 37.04 -6.11 15.88
C2 GOL Z . 38.23 -7.00 17.83
O2 GOL Z . 37.01 -7.02 18.57
C3 GOL Z . 38.48 -8.36 17.18
O3 GOL Z . 37.58 -9.35 17.71
C1 GOL AA . 32.70 -5.20 -4.83
O1 GOL AA . 33.97 -5.75 -4.47
C2 GOL AA . 31.85 -4.99 -3.58
O2 GOL AA . 30.75 -4.12 -3.87
C3 GOL AA . 31.29 -6.31 -3.04
O3 GOL AA . 32.29 -7.16 -2.47
C1 GOL BA . 10.16 -20.22 17.75
O1 GOL BA . 11.07 -21.25 18.15
C2 GOL BA . 10.97 -18.98 17.35
O2 GOL BA . 10.33 -18.26 16.30
C3 GOL BA . 11.15 -18.06 18.54
O3 GOL BA . 12.45 -17.46 18.44
P PO4 CA . 23.45 -1.04 26.38
O1 PO4 CA . 23.32 -0.31 25.07
O2 PO4 CA . 24.30 -2.27 26.20
O3 PO4 CA . 24.16 -0.11 27.35
O4 PO4 CA . 22.08 -1.39 26.91
#